data_5I23
#
_entry.id   5I23
#
_cell.length_a   198.000
_cell.length_b   198.000
_cell.length_c   103.000
_cell.angle_alpha   90.00
_cell.angle_beta   90.00
_cell.angle_gamma   120.00
#
_symmetry.space_group_name_H-M   'P 6 2 2'
#
loop_
_entity.id
_entity.type
_entity.pdbx_description
1 polymer 'Oligosaccharide 4-alpha-D-glucosyltransferase'
2 non-polymer 'TETRAETHYLENE GLYCOL'
3 non-polymer 'SULFATE ION'
4 non-polymer 1,2-ETHANEDIOL
5 non-polymer 1-(8-{[(1S,2R,3S,4S,5R,6R)-2,3,4,5-tetrahydroxy-6-(hydroxymethyl)cyclohexyl]amino}octyl)triaza-1,2-dien-2-ium
6 water water
#
_entity_poly.entity_id   1
_entity_poly.type   'polypeptide(L)'
_entity_poly.pdbx_seq_one_letter_code
;MNPVKREIHPDAVFYKEHKLRNDGLVITTNQGNIRLQFKSEAAIEVLYRADSKQLPSFALAQPESAIKAQLTETENHLQF
SGGTLTARIQKRPFAISYYRDSELLLAEESGFQVNTDKINFRFYLSPGEKILGGGQRILGMDRRGQRFPLYNRAHYGYSD
HSGQMYFGLPAIMSSKQYILVFDNSASGAMDIGKTESDILQLEAKSGRSAYILVAGNSYPSLIENFTQVTGRQPLPPRWA
LGSFASRFGYRSEAETRATVQKYKTEDFPLDTIVLDLYWFGKDIKGHMGNLDWDKENFPTPLDMMADFKQQGVKTVLITE
PFVLTSSKRWDDAVKAKALAKDPQGQPKAFELYFGNGGIIDVFSKEGSRWFSSIYKDLSKQGVAGWWGDLGEPEMHPEDT
QHAIGDADTVHNAYGHRWAEMLYQQQLDQFPELRPFIMMRAGFVGSQRYGMIPWTGDVSRTWGGLASQVELALQMSLLGF
GYIHSDLGGFADGETLDKEMYIRWLQYGVFQPVYRPHGQDHIPSEPVFQDEETKAILRPLVKLRYRMLPYIYTAAYQNTL
TGMPLMRPLFFSDEKNPALIDNKTSYFWGDSLLVTPITQAGVESVSIPAPKGVWFDFWKDTRYQTDGAPLTLPTDLHTIP
VLVKAGAFMPYVPAVSTTEDYRSDSLEIHYYADASVPLAQGEIFEDDGKDPNSIKRNQFDLLTLQATHTDNQLHFQLART
GKGYRGMPERRATTLVIHNASDQYQHLDINGKTIAIAQADCASTPALACYDQERRQLQLVFTWGREALNLRLHKGGRADP
AFLYKVVINSKLEGKPIPNPLLGLDSTRTGHHHHHH
;
_entity_poly.pdbx_strand_id   A
#
loop_
_chem_comp.id
_chem_comp.type
_chem_comp.name
_chem_comp.formula
66V non-polymer 1-(8-{[(1S,2R,3S,4S,5R,6R)-2,3,4,5-tetrahydroxy-6-(hydroxymethyl)cyclohexyl]amino}octyl)triaza-1,2-dien-2-ium 'C15 H31 N4 O5 1'
EDO non-polymer 1,2-ETHANEDIOL 'C2 H6 O2'
PG4 non-polymer 'TETRAETHYLENE GLYCOL' 'C8 H18 O5'
SO4 non-polymer 'SULFATE ION' 'O4 S -2'
#
# COMPACT_ATOMS: atom_id res chain seq x y z
N ALA A 12 3.54 32.54 27.89
CA ALA A 12 3.46 31.89 29.23
C ALA A 12 2.15 31.08 29.34
N VAL A 13 2.27 29.77 29.55
CA VAL A 13 1.13 28.87 29.67
C VAL A 13 1.31 28.01 30.91
N PHE A 14 0.25 27.94 31.71
CA PHE A 14 0.30 27.14 32.94
C PHE A 14 -1.05 26.47 33.20
N TYR A 15 -0.97 25.33 33.88
CA TYR A 15 -2.13 24.57 34.30
C TYR A 15 -2.98 25.38 35.27
N LYS A 16 -4.31 25.34 35.12
CA LYS A 16 -5.24 25.90 36.14
C LYS A 16 -6.10 24.85 36.81
N GLU A 17 -6.70 23.96 36.03
CA GLU A 17 -7.59 22.91 36.55
C GLU A 17 -7.86 21.82 35.51
N HIS A 18 -8.46 20.73 35.98
CA HIS A 18 -8.89 19.64 35.11
C HIS A 18 -10.17 18.97 35.61
N LYS A 19 -10.92 18.38 34.69
CA LYS A 19 -12.00 17.46 35.02
C LYS A 19 -11.89 16.24 34.11
N LEU A 20 -12.43 15.13 34.59
CA LEU A 20 -12.46 13.88 33.87
C LEU A 20 -13.93 13.68 33.48
N ARG A 21 -14.24 13.64 32.18
CA ARG A 21 -15.62 13.42 31.71
C ARG A 21 -15.67 12.52 30.47
N ASN A 22 -16.53 11.49 30.52
CA ASN A 22 -16.65 10.44 29.47
C ASN A 22 -15.29 9.83 29.07
N ASP A 23 -14.52 9.46 30.07
CA ASP A 23 -13.18 8.90 29.97
C ASP A 23 -12.12 9.82 29.38
N GLY A 24 -12.42 11.10 29.19
CA GLY A 24 -11.47 12.05 28.60
C GLY A 24 -11.04 13.06 29.65
N LEU A 25 -9.77 13.49 29.57
CA LEU A 25 -9.25 14.52 30.47
C LEU A 25 -9.41 15.86 29.80
N VAL A 26 -10.14 16.76 30.44
CA VAL A 26 -10.24 18.13 29.97
C VAL A 26 -9.43 19.00 30.92
N ILE A 27 -8.33 19.58 30.41
CA ILE A 27 -7.46 20.47 31.19
C ILE A 27 -7.75 21.91 30.79
N THR A 28 -7.82 22.80 31.78
CA THR A 28 -7.89 24.26 31.54
C THR A 28 -6.54 24.87 31.88
N THR A 29 -5.94 25.56 30.92
CA THR A 29 -4.77 26.39 31.20
C THR A 29 -5.24 27.85 31.24
N ASN A 30 -4.31 28.77 31.43
CA ASN A 30 -4.60 30.20 31.29
C ASN A 30 -5.05 30.54 29.85
N GLN A 31 -4.60 29.76 28.86
CA GLN A 31 -4.95 30.03 27.46
C GLN A 31 -6.19 29.34 26.90
N GLY A 32 -6.75 28.36 27.61
CA GLY A 32 -7.96 27.68 27.13
C GLY A 32 -7.97 26.21 27.51
N ASN A 33 -8.81 25.44 26.84
CA ASN A 33 -9.02 24.02 27.21
C ASN A 33 -8.35 23.07 26.24
N ILE A 34 -7.91 21.94 26.80
CA ILE A 34 -7.22 20.88 26.07
C ILE A 34 -7.93 19.55 26.42
N ARG A 35 -8.38 18.80 25.40
CA ARG A 35 -9.09 17.50 25.62
C ARG A 35 -8.19 16.33 25.24
N LEU A 36 -8.00 15.38 26.17
CA LEU A 36 -7.14 14.21 25.93
C LEU A 36 -8.01 12.96 25.98
N GLN A 37 -7.99 12.18 24.91
CA GLN A 37 -8.79 10.92 24.85
C GLN A 37 -7.94 9.80 24.27
N PHE A 38 -7.91 8.68 24.98
CA PHE A 38 -7.21 7.50 24.50
C PHE A 38 -8.10 6.84 23.47
N LYS A 39 -7.61 6.68 22.25
CA LYS A 39 -8.36 5.97 21.21
C LYS A 39 -8.08 4.46 21.23
N SER A 40 -7.07 4.07 21.99
CA SER A 40 -6.78 2.68 22.28
C SER A 40 -5.80 2.71 23.45
N GLU A 41 -5.30 1.54 23.86
CA GLU A 41 -4.33 1.47 24.94
C GLU A 41 -2.96 2.11 24.57
N ALA A 42 -2.72 2.29 23.28
CA ALA A 42 -1.44 2.73 22.76
C ALA A 42 -1.51 4.04 21.98
N ALA A 43 -2.67 4.72 21.98
CA ALA A 43 -2.86 5.89 21.12
C ALA A 43 -3.70 6.96 21.77
N ILE A 44 -3.26 8.21 21.67
CA ILE A 44 -3.96 9.32 22.33
C ILE A 44 -4.17 10.46 21.35
N GLU A 45 -5.35 11.06 21.41
CA GLU A 45 -5.70 12.26 20.68
C GLU A 45 -5.66 13.42 21.68
N VAL A 46 -4.89 14.45 21.31
CA VAL A 46 -4.74 15.71 22.08
C VAL A 46 -5.32 16.88 21.26
N LEU A 47 -6.44 17.44 21.73
CA LEU A 47 -7.17 18.49 21.05
C LEU A 47 -7.00 19.81 21.84
N TYR A 48 -6.25 20.76 21.29
CA TYR A 48 -6.15 22.12 21.87
C TYR A 48 -7.35 22.94 21.33
N ARG A 49 -7.61 24.09 21.95
CA ARG A 49 -8.83 24.91 21.74
C ARG A 49 -10.12 24.05 21.78
N ALA A 50 -10.19 23.16 22.75
CA ALA A 50 -11.26 22.14 22.79
C ALA A 50 -12.64 22.74 22.97
N ASP A 51 -12.69 23.87 23.67
CA ASP A 51 -13.90 24.70 23.82
C ASP A 51 -14.46 25.31 22.51
N SER A 52 -13.62 25.50 21.49
CA SER A 52 -14.05 26.16 20.25
C SER A 52 -14.61 25.18 19.21
N LYS A 53 -15.36 25.70 18.25
CA LYS A 53 -15.91 24.93 17.15
C LYS A 53 -14.81 24.76 16.09
N GLN A 54 -14.55 23.53 15.69
CA GLN A 54 -13.56 23.30 14.65
C GLN A 54 -13.85 22.04 13.83
N LEU A 55 -13.19 21.92 12.68
CA LEU A 55 -13.35 20.76 11.84
C LEU A 55 -13.07 19.51 12.67
N PRO A 56 -13.79 18.42 12.39
CA PRO A 56 -13.55 17.15 13.07
C PRO A 56 -12.26 16.42 12.62
N SER A 57 -11.90 15.39 13.38
CA SER A 57 -10.83 14.49 12.99
C SER A 57 -11.12 13.90 11.61
N PHE A 58 -10.12 13.89 10.74
CA PHE A 58 -10.11 13.07 9.53
C PHE A 58 -9.28 11.79 9.70
N ALA A 59 -8.24 11.83 10.52
CA ALA A 59 -7.31 10.70 10.68
C ALA A 59 -7.91 9.49 11.39
N LEU A 60 -8.81 9.72 12.33
CA LEU A 60 -9.32 8.66 13.17
C LEU A 60 -10.49 7.92 12.55
N ALA A 61 -10.44 6.58 12.61
CA ALA A 61 -11.52 5.74 12.13
C ALA A 61 -12.76 5.82 13.02
N GLN A 62 -12.53 5.84 14.32
CA GLN A 62 -13.61 6.02 15.32
C GLN A 62 -13.33 7.30 16.11
N PRO A 63 -13.63 8.46 15.50
CA PRO A 63 -13.22 9.75 16.12
C PRO A 63 -13.83 10.00 17.50
N GLU A 64 -14.99 9.44 17.77
CA GLU A 64 -15.67 9.66 19.05
C GLU A 64 -15.35 8.62 20.13
N SER A 65 -14.51 7.62 19.89
CA SER A 65 -14.16 6.69 20.99
C SER A 65 -13.18 7.32 22.01
N ALA A 66 -13.21 6.76 23.22
CA ALA A 66 -12.39 7.20 24.35
C ALA A 66 -12.42 6.08 25.39
N ILE A 67 -11.40 5.24 25.37
CA ILE A 67 -11.31 4.08 26.29
C ILE A 67 -10.87 4.54 27.68
N LYS A 68 -11.15 3.69 28.67
CA LYS A 68 -10.88 3.99 30.10
C LYS A 68 -9.39 4.09 30.37
N ALA A 69 -8.96 5.20 30.99
CA ALA A 69 -7.58 5.41 31.38
C ALA A 69 -7.51 5.75 32.85
N GLN A 70 -6.30 5.73 33.42
CA GLN A 70 -6.13 6.15 34.81
C GLN A 70 -5.45 7.50 34.87
N LEU A 71 -5.94 8.33 35.77
CA LEU A 71 -5.41 9.65 36.05
C LEU A 71 -4.84 9.64 37.46
N THR A 72 -3.60 10.09 37.62
CA THR A 72 -3.01 10.31 38.95
C THR A 72 -2.37 11.69 38.96
N GLU A 73 -2.33 12.32 40.14
CA GLU A 73 -1.92 13.73 40.28
C GLU A 73 -0.80 13.88 41.30
N THR A 74 0.15 14.77 41.02
CA THR A 74 1.20 15.17 41.97
C THR A 74 1.27 16.68 42.02
N GLU A 75 2.12 17.22 42.88
CA GLU A 75 2.24 18.66 43.06
C GLU A 75 2.44 19.34 41.71
N ASN A 76 3.38 18.81 40.93
CA ASN A 76 3.81 19.44 39.69
C ASN A 76 3.29 18.78 38.39
N HIS A 77 2.66 17.61 38.50
CA HIS A 77 2.27 16.83 37.31
C HIS A 77 0.89 16.18 37.40
N LEU A 78 0.32 15.91 36.22
CA LEU A 78 -0.74 14.89 36.05
C LEU A 78 -0.18 13.77 35.17
N GLN A 79 -0.62 12.54 35.42
CA GLN A 79 -0.35 11.40 34.53
C GLN A 79 -1.65 10.79 34.07
N PHE A 80 -1.78 10.62 32.75
CA PHE A 80 -2.98 10.08 32.17
C PHE A 80 -2.57 8.91 31.31
N SER A 81 -3.07 7.73 31.68
CA SER A 81 -2.41 6.51 31.28
C SER A 81 -3.36 5.43 30.74
N GLY A 82 -3.11 4.96 29.52
CA GLY A 82 -3.77 3.78 28.97
C GLY A 82 -2.86 2.59 29.25
N GLY A 83 -3.24 1.42 28.80
CA GLY A 83 -2.40 0.23 28.94
C GLY A 83 -0.89 0.31 28.63
N THR A 84 -0.48 0.91 27.52
CA THR A 84 0.97 1.01 27.22
C THR A 84 1.50 2.46 27.13
N LEU A 85 0.66 3.38 26.64
CA LEU A 85 1.02 4.78 26.51
C LEU A 85 0.55 5.61 27.70
N THR A 86 1.45 6.47 28.18
CA THR A 86 1.17 7.46 29.24
C THR A 86 1.50 8.89 28.80
N ALA A 87 0.58 9.80 29.09
CA ALA A 87 0.83 11.23 28.93
C ALA A 87 1.19 11.82 30.28
N ARG A 88 2.31 12.52 30.33
CA ARG A 88 2.77 13.19 31.55
C ARG A 88 2.63 14.66 31.29
N ILE A 89 1.82 15.30 32.13
CA ILE A 89 1.44 16.71 31.97
C ILE A 89 2.14 17.52 33.06
N GLN A 90 3.17 18.29 32.69
CA GLN A 90 3.85 19.20 33.60
C GLN A 90 2.97 20.45 33.76
N LYS A 91 2.69 20.82 35.01
CA LYS A 91 1.77 21.93 35.28
C LYS A 91 2.37 23.30 34.96
N ARG A 92 3.63 23.51 35.34
CA ARG A 92 4.25 24.85 35.26
C ARG A 92 5.72 24.82 34.88
N PRO A 93 6.10 25.38 33.71
CA PRO A 93 5.18 25.78 32.65
C PRO A 93 4.46 24.56 32.05
N PHE A 94 3.38 24.81 31.31
CA PHE A 94 2.57 23.72 30.81
C PHE A 94 3.31 22.99 29.68
N ALA A 95 3.43 21.68 29.76
CA ALA A 95 4.01 20.90 28.65
C ALA A 95 3.64 19.44 28.85
N ILE A 96 3.30 18.77 27.76
CA ILE A 96 2.93 17.36 27.82
C ILE A 96 4.03 16.56 27.16
N SER A 97 4.33 15.42 27.75
CA SER A 97 5.26 14.50 27.13
C SER A 97 4.66 13.08 27.21
N TYR A 98 5.21 12.18 26.39
CA TYR A 98 4.59 10.89 26.13
C TYR A 98 5.59 9.77 26.40
N TYR A 99 5.15 8.76 27.15
CA TYR A 99 5.99 7.65 27.63
C TYR A 99 5.40 6.29 27.24
N ARG A 100 6.25 5.36 26.81
CA ARG A 100 5.86 3.95 26.66
C ARG A 100 6.66 3.25 27.73
N ASP A 101 5.97 2.58 28.66
CA ASP A 101 6.56 2.13 29.94
C ASP A 101 7.06 3.35 30.70
N SER A 102 8.38 3.38 30.89
CA SER A 102 9.10 4.36 31.62
C SER A 102 9.97 5.12 30.62
N GLU A 103 9.73 4.95 29.32
CA GLU A 103 10.60 5.48 28.29
C GLU A 103 9.99 6.70 27.58
N LEU A 104 10.77 7.78 27.52
CA LEU A 104 10.32 9.02 26.91
C LEU A 104 10.31 8.87 25.40
N LEU A 105 9.14 9.09 24.82
CA LEU A 105 8.96 9.04 23.39
C LEU A 105 9.12 10.40 22.74
N LEU A 106 8.37 11.36 23.27
CA LEU A 106 8.22 12.68 22.66
C LEU A 106 7.78 13.65 23.73
N ALA A 107 8.41 14.83 23.75
CA ALA A 107 7.98 15.92 24.62
C ALA A 107 7.67 17.21 23.83
N GLU A 108 6.58 17.84 24.21
CA GLU A 108 6.31 19.20 23.83
C GLU A 108 7.45 20.13 24.29
N GLU A 109 7.80 21.08 23.42
CA GLU A 109 8.65 22.18 23.80
C GLU A 109 7.65 23.25 24.21
N SER A 110 7.36 24.23 23.37
CA SER A 110 6.31 25.20 23.76
C SER A 110 4.92 24.65 23.41
N GLY A 111 4.87 23.49 22.73
CA GLY A 111 3.60 22.85 22.40
C GLY A 111 2.75 23.71 21.47
N PHE A 112 1.52 24.00 21.91
CA PHE A 112 0.54 24.72 21.10
C PHE A 112 0.62 26.26 21.22
N GLN A 113 0.50 26.98 20.10
CA GLN A 113 0.30 28.48 20.09
C GLN A 113 -0.59 28.93 18.91
N LYS A 118 -1.21 30.54 11.83
CA LYS A 118 -1.97 30.68 13.05
C LYS A 118 -1.83 29.45 13.95
N ILE A 119 -1.93 28.23 13.42
CA ILE A 119 -1.85 27.01 14.25
C ILE A 119 -0.42 26.46 14.27
N ASN A 120 0.09 26.17 15.46
CA ASN A 120 1.49 25.85 15.63
C ASN A 120 1.76 24.87 16.79
N PHE A 121 2.45 23.75 16.51
CA PHE A 121 2.87 22.81 17.52
C PHE A 121 4.41 22.68 17.46
N ARG A 122 5.04 22.76 18.64
CA ARG A 122 6.50 22.63 18.77
C ARG A 122 6.83 21.53 19.79
N PHE A 123 7.61 20.54 19.33
CA PHE A 123 8.11 19.42 20.13
C PHE A 123 9.63 19.38 20.09
N TYR A 124 10.21 18.82 21.14
CA TYR A 124 11.67 18.46 21.14
C TYR A 124 11.91 17.20 20.31
N LEU A 125 13.04 17.16 19.62
CA LEU A 125 13.60 15.92 19.06
C LEU A 125 14.81 15.53 19.91
N SER A 126 14.97 14.24 20.16
CA SER A 126 16.10 13.71 20.94
C SER A 126 17.35 13.63 20.09
N PRO A 127 18.54 13.61 20.73
CA PRO A 127 19.73 13.48 19.89
C PRO A 127 19.76 12.09 19.27
N GLY A 128 20.18 12.03 18.01
CA GLY A 128 20.23 10.77 17.30
C GLY A 128 18.90 10.26 16.76
N GLU A 129 17.78 10.87 17.13
CA GLU A 129 16.47 10.39 16.70
C GLU A 129 16.36 10.57 15.15
N LYS A 130 15.97 9.49 14.47
CA LYS A 130 15.71 9.45 13.02
C LYS A 130 14.19 9.54 12.81
N ILE A 131 13.79 10.30 11.80
CA ILE A 131 12.39 10.61 11.57
C ILE A 131 12.00 10.34 10.10
N LEU A 132 11.26 9.26 9.89
CA LEU A 132 10.59 9.01 8.63
C LEU A 132 9.29 9.80 8.62
N GLY A 133 8.74 10.03 7.43
CA GLY A 133 7.42 10.66 7.36
C GLY A 133 7.24 11.71 6.28
N GLY A 134 6.07 12.34 6.34
CA GLY A 134 5.68 13.36 5.38
C GLY A 134 5.04 12.82 4.12
N GLY A 135 4.89 11.49 4.02
CA GLY A 135 4.34 10.88 2.81
C GLY A 135 5.29 11.01 1.64
N GLN A 136 4.76 11.35 0.47
CA GLN A 136 5.58 11.34 -0.72
C GLN A 136 6.50 12.55 -0.74
N ARG A 137 7.81 12.28 -0.62
CA ARG A 137 8.90 13.24 -0.77
C ARG A 137 10.07 12.39 -1.28
N ILE A 138 10.99 12.98 -2.03
CA ILE A 138 12.23 12.27 -2.41
C ILE A 138 13.36 13.10 -1.81
N LEU A 139 13.67 12.77 -0.57
CA LEU A 139 14.59 13.55 0.27
C LEU A 139 15.62 12.73 1.05
N GLY A 140 15.50 11.39 0.99
CA GLY A 140 16.19 10.49 1.93
C GLY A 140 15.17 9.93 2.94
N MET A 141 15.37 8.68 3.35
CA MET A 141 14.36 8.02 4.19
C MET A 141 14.16 8.74 5.52
N ASP A 142 15.25 9.25 6.08
CA ASP A 142 15.23 10.01 7.33
C ASP A 142 15.08 11.47 6.93
N ARG A 143 13.94 12.04 7.23
CA ARG A 143 13.59 13.43 6.84
C ARG A 143 14.03 14.46 7.88
N ARG A 144 14.69 14.02 8.97
CA ARG A 144 15.23 14.98 9.93
C ARG A 144 16.22 15.87 9.20
N GLY A 145 16.20 17.15 9.53
CA GLY A 145 16.98 18.14 8.79
C GLY A 145 16.22 18.78 7.62
N GLN A 146 15.00 18.31 7.34
CA GLN A 146 14.18 18.87 6.25
C GLN A 146 12.96 19.64 6.77
N ARG A 147 12.56 20.63 5.98
CA ARG A 147 11.33 21.37 6.17
C ARG A 147 10.57 21.31 4.85
N PHE A 148 9.25 21.15 4.89
CA PHE A 148 8.46 21.08 3.66
C PHE A 148 6.96 21.37 3.91
N PRO A 149 6.23 21.78 2.87
CA PRO A 149 4.83 22.11 3.07
C PRO A 149 3.95 20.89 3.22
N LEU A 150 2.84 21.08 3.93
CA LEU A 150 1.71 20.17 3.93
C LEU A 150 0.63 20.77 3.02
N TYR A 151 0.76 20.47 1.73
CA TYR A 151 -0.14 20.97 0.70
C TYR A 151 0.00 20.07 -0.52
N ASN A 152 -0.91 19.10 -0.64
CA ASN A 152 -0.96 18.19 -1.79
C ASN A 152 -0.91 18.96 -3.09
N ARG A 153 -0.02 18.55 -3.97
CA ARG A 153 0.25 19.30 -5.17
C ARG A 153 0.98 18.46 -6.21
N ALA A 154 0.67 18.67 -7.48
CA ALA A 154 1.34 17.91 -8.54
C ALA A 154 2.83 18.20 -8.62
N HIS A 155 3.63 17.18 -8.90
CA HIS A 155 5.02 17.40 -9.32
C HIS A 155 5.27 16.64 -10.61
N TYR A 156 4.75 17.21 -11.70
CA TYR A 156 4.85 16.58 -12.99
C TYR A 156 6.27 16.34 -13.41
N GLY A 157 6.58 15.11 -13.82
CA GLY A 157 7.91 14.84 -14.38
C GLY A 157 9.04 14.79 -13.35
N TYR A 158 8.72 14.56 -12.08
CA TYR A 158 9.76 14.44 -11.07
C TYR A 158 10.67 13.25 -11.38
N SER A 159 11.90 13.32 -10.85
N SER A 159 11.88 13.31 -10.84
CA SER A 159 12.90 12.29 -11.05
CA SER A 159 12.83 12.22 -10.95
C SER A 159 13.49 11.85 -9.71
C SER A 159 13.40 11.93 -9.57
N ASP A 160 14.54 12.54 -9.24
CA ASP A 160 15.33 12.09 -8.09
C ASP A 160 15.21 13.05 -6.93
N HIS A 161 14.29 14.02 -7.00
CA HIS A 161 14.14 14.96 -5.88
C HIS A 161 12.75 15.59 -5.82
N SER A 162 12.20 15.69 -4.62
CA SER A 162 10.95 16.44 -4.39
C SER A 162 10.70 16.72 -2.93
N GLY A 163 10.48 18.00 -2.62
CA GLY A 163 9.97 18.40 -1.32
C GLY A 163 8.45 18.44 -1.19
N GLN A 164 7.71 18.21 -2.27
CA GLN A 164 6.24 18.44 -2.27
C GLN A 164 5.66 17.77 -3.46
N MET A 165 4.76 16.81 -3.25
CA MET A 165 4.14 16.14 -4.38
C MET A 165 2.69 15.77 -4.06
N TYR A 166 2.14 14.85 -4.83
CA TYR A 166 0.70 14.54 -4.87
C TYR A 166 0.07 14.23 -3.52
N PHE A 167 0.76 13.41 -2.73
CA PHE A 167 0.15 12.81 -1.56
C PHE A 167 1.13 12.95 -0.42
N GLY A 168 1.03 14.09 0.25
CA GLY A 168 1.69 14.27 1.53
C GLY A 168 0.85 13.64 2.61
N LEU A 169 1.49 13.29 3.71
CA LEU A 169 0.83 12.87 4.95
C LEU A 169 1.35 13.75 6.07
N PRO A 170 0.47 14.29 6.89
CA PRO A 170 0.88 15.07 8.04
C PRO A 170 1.24 14.15 9.20
N ALA A 171 2.26 13.32 9.02
CA ALA A 171 2.62 12.29 10.00
C ALA A 171 4.06 11.89 9.87
N ILE A 172 4.63 11.46 11.00
CA ILE A 172 5.98 10.96 11.06
C ILE A 172 6.07 9.65 11.83
N MET A 173 7.12 8.88 11.56
CA MET A 173 7.44 7.66 12.29
C MET A 173 8.86 7.84 12.81
N SER A 174 9.05 7.68 14.11
CA SER A 174 10.35 7.89 14.74
C SER A 174 11.10 6.57 15.02
N SER A 175 12.43 6.63 15.00
CA SER A 175 13.28 5.53 15.48
C SER A 175 13.03 5.15 16.94
N LYS A 176 12.39 6.02 17.73
CA LYS A 176 11.87 5.66 19.07
C LYS A 176 10.54 4.88 19.05
N GLN A 177 10.05 4.55 17.86
CA GLN A 177 8.86 3.68 17.66
C GLN A 177 7.59 4.31 18.19
N TYR A 178 7.36 5.54 17.77
CA TYR A 178 6.06 6.19 17.83
C TYR A 178 5.73 6.77 16.45
N ILE A 179 4.45 7.00 16.25
CA ILE A 179 3.94 7.71 15.11
C ILE A 179 3.15 8.87 15.68
N LEU A 180 3.40 10.05 15.09
CA LEU A 180 2.74 11.32 15.44
C LEU A 180 1.95 11.80 14.21
N VAL A 181 0.66 12.07 14.38
CA VAL A 181 -0.18 12.59 13.32
C VAL A 181 -0.66 13.99 13.68
N PHE A 182 -0.49 14.93 12.76
CA PHE A 182 -1.09 16.27 12.85
C PHE A 182 -2.45 16.15 12.15
N ASP A 183 -3.54 16.10 12.94
CA ASP A 183 -4.86 15.75 12.42
C ASP A 183 -5.56 17.00 11.92
N ASN A 184 -4.97 17.55 10.86
CA ASN A 184 -5.32 18.86 10.36
C ASN A 184 -5.29 18.75 8.85
N SER A 185 -6.32 19.29 8.22
CA SER A 185 -6.53 19.18 6.79
C SER A 185 -6.05 20.35 5.97
N ALA A 186 -5.45 21.35 6.61
CA ALA A 186 -5.23 22.63 5.99
C ALA A 186 -3.84 22.79 5.42
N SER A 187 -3.75 23.82 4.58
CA SER A 187 -2.46 24.25 4.06
C SER A 187 -1.53 24.52 5.23
N GLY A 188 -0.40 23.83 5.26
CA GLY A 188 0.52 23.93 6.40
C GLY A 188 1.95 23.55 6.09
N ALA A 189 2.66 23.09 7.11
CA ALA A 189 4.11 22.83 6.96
C ALA A 189 4.64 21.95 8.08
N MET A 190 5.71 21.22 7.80
CA MET A 190 6.40 20.43 8.78
C MET A 190 7.89 20.80 8.75
N ASP A 191 8.46 21.11 9.92
CA ASP A 191 9.86 21.50 10.04
C ASP A 191 10.47 20.46 10.95
N ILE A 192 11.18 19.49 10.39
CA ILE A 192 11.71 18.38 11.19
C ILE A 192 13.18 18.68 11.58
N GLY A 193 13.34 19.56 12.58
CA GLY A 193 14.66 19.97 13.06
C GLY A 193 15.56 20.61 12.03
N LYS A 194 14.96 21.39 11.13
CA LYS A 194 15.72 22.08 10.11
C LYS A 194 16.11 23.44 10.67
N THR A 195 15.09 24.26 10.97
CA THR A 195 15.29 25.63 11.43
C THR A 195 16.01 25.62 12.78
N GLU A 196 15.50 24.80 13.70
CA GLU A 196 16.13 24.61 15.00
C GLU A 196 16.42 23.14 15.16
N SER A 197 17.69 22.79 15.34
CA SER A 197 18.11 21.38 15.20
C SER A 197 17.41 20.38 16.13
N ASP A 198 16.92 20.87 17.26
CA ASP A 198 16.26 20.03 18.24
C ASP A 198 14.76 20.25 18.32
N ILE A 199 14.18 20.90 17.31
CA ILE A 199 12.74 21.18 17.30
C ILE A 199 12.00 20.60 16.08
N LEU A 200 10.95 19.82 16.35
CA LEU A 200 9.92 19.47 15.38
C LEU A 200 8.81 20.49 15.46
N GLN A 201 8.52 21.17 14.36
CA GLN A 201 7.43 22.13 14.31
C GLN A 201 6.39 21.75 13.25
N LEU A 202 5.13 21.79 13.65
CA LEU A 202 3.98 21.54 12.78
C LEU A 202 3.19 22.86 12.68
N GLU A 203 2.82 23.30 11.47
CA GLU A 203 2.12 24.59 11.26
C GLU A 203 0.96 24.38 10.32
N ALA A 204 -0.13 25.12 10.53
CA ALA A 204 -1.24 25.24 9.56
C ALA A 204 -1.86 26.63 9.59
N LYS A 205 -2.43 27.05 8.47
CA LYS A 205 -3.11 28.34 8.34
C LYS A 205 -4.40 28.38 9.09
N SER A 206 -5.04 27.22 9.23
CA SER A 206 -6.34 27.11 9.85
C SER A 206 -6.61 25.61 10.12
N GLY A 207 -7.85 25.25 10.39
CA GLY A 207 -8.21 23.86 10.57
C GLY A 207 -8.04 23.43 12.00
N ARG A 208 -8.08 22.10 12.21
CA ARG A 208 -8.19 21.50 13.55
C ARG A 208 -6.84 21.57 14.25
N SER A 209 -6.84 22.01 15.52
CA SER A 209 -5.61 22.09 16.32
C SER A 209 -5.50 20.84 17.20
N ALA A 210 -5.16 19.70 16.58
CA ALA A 210 -5.05 18.41 17.29
C ALA A 210 -3.91 17.57 16.77
N TYR A 211 -3.32 16.78 17.65
CA TYR A 211 -2.41 15.75 17.24
C TYR A 211 -2.75 14.43 17.91
N ILE A 212 -2.22 13.35 17.33
CA ILE A 212 -2.41 11.98 17.78
C ILE A 212 -1.03 11.35 17.89
N LEU A 213 -0.74 10.71 19.02
CA LEU A 213 0.51 9.99 19.23
C LEU A 213 0.17 8.51 19.39
N VAL A 214 0.83 7.65 18.61
CA VAL A 214 0.64 6.20 18.68
C VAL A 214 1.99 5.59 19.01
N ALA A 215 2.00 4.64 19.94
CA ALA A 215 3.23 3.97 20.37
C ALA A 215 3.16 2.49 20.04
N GLY A 216 4.32 1.85 20.05
CA GLY A 216 4.42 0.40 19.87
C GLY A 216 5.74 -0.14 20.38
N ASN A 217 5.78 -1.46 20.56
CA ASN A 217 6.95 -2.17 21.06
C ASN A 217 7.87 -2.69 19.96
N SER A 218 7.47 -2.54 18.71
CA SER A 218 8.22 -3.03 17.56
C SER A 218 7.62 -2.23 16.42
N TYR A 219 8.26 -2.23 15.25
CA TYR A 219 7.69 -1.52 14.11
C TYR A 219 6.38 -2.19 13.62
N PRO A 220 6.31 -3.54 13.58
CA PRO A 220 5.04 -4.18 13.25
C PRO A 220 3.89 -3.81 14.17
N SER A 221 4.14 -3.84 15.47
CA SER A 221 3.12 -3.48 16.49
C SER A 221 2.71 -2.02 16.37
N LEU A 222 3.70 -1.16 16.19
CA LEU A 222 3.42 0.27 15.99
C LEU A 222 2.44 0.45 14.83
N ILE A 223 2.73 -0.23 13.72
CA ILE A 223 1.88 -0.14 12.53
C ILE A 223 0.51 -0.80 12.79
N GLU A 224 0.50 -1.90 13.52
CA GLU A 224 -0.75 -2.52 13.98
C GLU A 224 -1.61 -1.55 14.84
N ASN A 225 -0.96 -0.84 15.74
CA ASN A 225 -1.63 0.12 16.62
C ASN A 225 -2.09 1.36 15.84
N PHE A 226 -1.28 1.76 14.87
CA PHE A 226 -1.62 2.93 14.04
C PHE A 226 -2.83 2.64 13.17
N THR A 227 -2.83 1.49 12.49
CA THR A 227 -3.95 1.16 11.61
C THR A 227 -5.21 0.80 12.43
N GLN A 228 -5.05 0.31 13.65
CA GLN A 228 -6.19 0.10 14.52
C GLN A 228 -7.03 1.38 14.74
N VAL A 229 -6.37 2.51 14.96
CA VAL A 229 -7.09 3.77 15.22
C VAL A 229 -7.32 4.65 13.97
N THR A 230 -6.50 4.50 12.93
CA THR A 230 -6.67 5.28 11.68
C THR A 230 -7.45 4.54 10.58
N GLY A 231 -7.48 3.21 10.66
CA GLY A 231 -8.29 2.36 9.78
C GLY A 231 -7.43 1.29 9.12
N ARG A 232 -8.02 0.12 8.91
CA ARG A 232 -7.36 -1.02 8.28
C ARG A 232 -7.91 -1.06 6.87
N GLN A 233 -7.05 -1.32 5.90
CA GLN A 233 -7.51 -1.46 4.53
C GLN A 233 -8.30 -2.77 4.36
N PRO A 234 -9.52 -2.68 3.81
CA PRO A 234 -10.25 -3.90 3.48
C PRO A 234 -9.53 -4.61 2.35
N LEU A 235 -9.62 -5.94 2.35
CA LEU A 235 -8.93 -6.72 1.35
C LEU A 235 -9.40 -6.29 -0.02
N PRO A 236 -8.47 -5.86 -0.92
CA PRO A 236 -8.91 -5.61 -2.28
C PRO A 236 -9.43 -6.88 -2.97
N PRO A 237 -10.15 -6.70 -4.07
CA PRO A 237 -10.49 -7.87 -4.88
C PRO A 237 -9.17 -8.46 -5.40
N ARG A 238 -9.11 -9.78 -5.51
CA ARG A 238 -7.86 -10.42 -5.93
C ARG A 238 -7.40 -9.95 -7.30
N TRP A 239 -8.35 -9.58 -8.17
CA TRP A 239 -7.97 -9.03 -9.46
C TRP A 239 -7.09 -7.77 -9.39
N ALA A 240 -7.14 -7.01 -8.29
CA ALA A 240 -6.22 -5.90 -8.12
C ALA A 240 -4.74 -6.28 -8.12
N LEU A 241 -4.45 -7.55 -7.82
CA LEU A 241 -3.12 -8.11 -7.85
C LEU A 241 -2.68 -8.60 -9.22
N GLY A 242 -3.52 -8.47 -10.24
CA GLY A 242 -3.21 -8.94 -11.57
C GLY A 242 -2.56 -7.92 -12.49
N SER A 243 -2.54 -8.26 -13.78
CA SER A 243 -1.96 -7.44 -14.83
C SER A 243 -2.95 -6.44 -15.34
N PHE A 244 -2.55 -5.18 -15.34
CA PHE A 244 -3.35 -4.08 -15.88
C PHE A 244 -2.79 -3.62 -17.22
N ALA A 245 -3.69 -3.44 -18.19
CA ALA A 245 -3.40 -2.70 -19.42
C ALA A 245 -3.78 -1.24 -19.20
N SER A 246 -2.81 -0.35 -19.35
CA SER A 246 -3.10 1.07 -19.22
C SER A 246 -2.14 1.92 -20.06
N ARG A 247 -2.65 3.08 -20.48
CA ARG A 247 -1.85 4.14 -21.13
C ARG A 247 -2.66 5.43 -20.93
N PHE A 248 -2.03 6.57 -21.24
CA PHE A 248 -2.77 7.85 -21.38
C PHE A 248 -2.67 8.14 -22.87
N GLY A 249 -3.62 7.68 -23.69
CA GLY A 249 -4.88 6.99 -23.31
C GLY A 249 -5.42 6.25 -24.52
N TYR A 250 -6.20 5.19 -24.30
CA TYR A 250 -6.88 4.50 -25.42
C TYR A 250 -7.84 5.51 -26.07
N ARG A 251 -7.73 5.69 -27.39
CA ARG A 251 -8.47 6.76 -28.06
C ARG A 251 -9.86 6.33 -28.54
N SER A 252 -10.14 5.03 -28.52
CA SER A 252 -11.37 4.50 -29.08
C SER A 252 -11.68 3.13 -28.50
N GLU A 253 -12.94 2.74 -28.61
CA GLU A 253 -13.37 1.36 -28.34
C GLU A 253 -12.56 0.37 -29.19
N ALA A 254 -12.38 0.64 -30.48
CA ALA A 254 -11.64 -0.29 -31.33
C ALA A 254 -10.20 -0.47 -30.85
N GLU A 255 -9.59 0.63 -30.42
CA GLU A 255 -8.24 0.58 -29.88
C GLU A 255 -8.16 -0.19 -28.52
N THR A 256 -9.16 -0.01 -27.68
CA THR A 256 -9.26 -0.68 -26.39
C THR A 256 -9.44 -2.18 -26.61
N ARG A 257 -10.32 -2.55 -27.52
CA ARG A 257 -10.53 -3.94 -27.86
C ARG A 257 -9.28 -4.56 -28.49
N ALA A 258 -8.57 -3.79 -29.31
CA ALA A 258 -7.35 -4.31 -29.93
C ALA A 258 -6.27 -4.59 -28.87
N THR A 259 -6.25 -3.79 -27.80
CA THR A 259 -5.26 -3.96 -26.71
C THR A 259 -5.57 -5.21 -25.89
N VAL A 260 -6.84 -5.42 -25.56
CA VAL A 260 -7.23 -6.64 -24.86
C VAL A 260 -6.83 -7.85 -25.72
N GLN A 261 -7.15 -7.78 -27.01
CA GLN A 261 -6.78 -8.79 -27.99
C GLN A 261 -5.26 -9.03 -28.08
N LYS A 262 -4.48 -7.97 -28.00
CA LYS A 262 -3.03 -8.09 -28.06
C LYS A 262 -2.48 -8.90 -26.85
N TYR A 263 -3.08 -8.70 -25.68
CA TYR A 263 -2.70 -9.52 -24.54
C TYR A 263 -2.97 -11.01 -24.81
N LYS A 264 -4.09 -11.30 -25.47
CA LYS A 264 -4.43 -12.69 -25.80
C LYS A 264 -3.50 -13.27 -26.81
N THR A 265 -3.26 -12.56 -27.90
CA THR A 265 -2.44 -13.09 -28.97
C THR A 265 -0.95 -13.10 -28.59
N GLU A 266 -0.51 -12.23 -27.68
CA GLU A 266 0.87 -12.27 -27.20
C GLU A 266 1.09 -13.11 -25.96
N ASP A 267 0.02 -13.71 -25.42
CA ASP A 267 0.13 -14.59 -24.25
C ASP A 267 0.72 -13.85 -23.05
N PHE A 268 0.20 -12.67 -22.76
CA PHE A 268 0.43 -12.03 -21.47
C PHE A 268 -0.85 -12.07 -20.66
N PRO A 269 -0.72 -12.38 -19.36
CA PRO A 269 -1.85 -12.26 -18.45
C PRO A 269 -2.47 -10.86 -18.44
N LEU A 270 -3.80 -10.82 -18.31
CA LEU A 270 -4.51 -9.57 -18.24
C LEU A 270 -5.76 -9.73 -17.44
N ASP A 271 -5.88 -8.91 -16.40
CA ASP A 271 -7.10 -8.84 -15.59
C ASP A 271 -7.98 -7.63 -15.89
N THR A 272 -7.36 -6.48 -16.19
CA THR A 272 -8.09 -5.18 -16.15
C THR A 272 -7.53 -4.25 -17.18
N ILE A 273 -8.43 -3.58 -17.91
CA ILE A 273 -8.03 -2.52 -18.80
C ILE A 273 -8.56 -1.19 -18.28
N VAL A 274 -7.70 -0.18 -18.34
CA VAL A 274 -7.93 1.13 -17.74
C VAL A 274 -8.10 2.18 -18.84
N LEU A 275 -9.19 2.95 -18.76
CA LEU A 275 -9.53 3.96 -19.74
C LEU A 275 -9.34 5.38 -19.16
N ASP A 276 -8.43 6.11 -19.79
CA ASP A 276 -8.10 7.47 -19.42
C ASP A 276 -9.14 8.42 -20.08
N LEU A 277 -8.83 9.69 -20.15
CA LEU A 277 -9.85 10.74 -20.29
C LEU A 277 -10.49 10.80 -21.68
N TYR A 278 -9.97 10.01 -22.64
CA TYR A 278 -10.60 9.99 -23.94
C TYR A 278 -11.95 9.24 -23.98
N TRP A 279 -12.28 8.48 -22.92
CA TRP A 279 -13.56 7.79 -22.87
C TRP A 279 -14.73 8.76 -22.85
N PHE A 280 -14.47 10.00 -22.41
CA PHE A 280 -15.50 11.05 -22.35
C PHE A 280 -15.31 12.27 -23.28
N GLY A 281 -14.26 12.28 -24.11
CA GLY A 281 -14.11 13.33 -25.13
C GLY A 281 -12.87 13.15 -25.97
N LYS A 282 -12.84 13.71 -27.17
CA LYS A 282 -11.73 13.45 -28.10
C LYS A 282 -10.44 14.24 -27.83
N ASP A 283 -10.50 15.28 -26.99
CA ASP A 283 -9.35 16.12 -26.69
C ASP A 283 -9.05 16.01 -25.20
N ILE A 284 -7.83 16.34 -24.83
CA ILE A 284 -7.40 16.40 -23.42
C ILE A 284 -8.17 17.52 -22.68
N LYS A 285 -8.35 18.66 -23.37
CA LYS A 285 -9.00 19.83 -22.83
C LYS A 285 -10.43 19.96 -23.30
N GLY A 286 -11.27 20.53 -22.44
CA GLY A 286 -12.56 20.99 -22.85
C GLY A 286 -13.73 20.08 -22.51
N HIS A 287 -13.47 18.80 -22.17
CA HIS A 287 -14.57 17.83 -21.97
C HIS A 287 -14.79 17.33 -20.55
N MET A 288 -13.79 17.53 -19.71
CA MET A 288 -13.78 17.03 -18.35
C MET A 288 -15.05 17.48 -17.62
N GLY A 289 -15.74 16.51 -17.04
CA GLY A 289 -17.01 16.74 -16.41
C GLY A 289 -18.15 16.14 -17.19
N ASN A 290 -17.93 15.86 -18.48
CA ASN A 290 -18.95 15.15 -19.26
C ASN A 290 -19.39 13.84 -18.57
N LEU A 291 -18.40 13.13 -18.00
CA LEU A 291 -18.68 11.90 -17.23
C LEU A 291 -19.68 10.99 -17.94
N ASP A 292 -19.46 10.79 -19.23
CA ASP A 292 -20.29 9.96 -20.04
C ASP A 292 -19.55 9.67 -21.30
N TRP A 293 -19.97 8.63 -22.03
CA TRP A 293 -19.18 8.09 -23.12
C TRP A 293 -19.16 9.03 -24.28
N ASP A 294 -17.99 9.24 -24.85
CA ASP A 294 -17.92 9.91 -26.15
C ASP A 294 -18.28 8.88 -27.21
N LYS A 295 -19.52 8.97 -27.72
CA LYS A 295 -20.05 7.95 -28.62
C LYS A 295 -19.46 7.92 -30.02
N GLU A 296 -18.88 9.00 -30.50
CA GLU A 296 -18.15 8.98 -31.78
C GLU A 296 -16.97 8.02 -31.68
N ASN A 297 -16.31 7.92 -30.53
CA ASN A 297 -15.12 7.04 -30.39
C ASN A 297 -15.30 5.75 -29.55
N PHE A 298 -16.32 5.74 -28.70
CA PHE A 298 -16.76 4.58 -27.92
C PHE A 298 -18.22 4.34 -28.20
N PRO A 299 -18.53 3.80 -29.41
CA PRO A 299 -19.92 3.68 -29.85
C PRO A 299 -20.81 2.64 -29.15
N THR A 300 -20.26 1.52 -28.71
CA THR A 300 -21.04 0.45 -28.05
C THR A 300 -20.35 0.02 -26.75
N PRO A 301 -20.31 0.93 -25.77
CA PRO A 301 -19.51 0.68 -24.58
C PRO A 301 -20.05 -0.43 -23.67
N LEU A 302 -21.38 -0.62 -23.64
CA LEU A 302 -21.94 -1.73 -22.85
C LEU A 302 -21.50 -3.08 -23.44
N ASP A 303 -21.59 -3.22 -24.75
CA ASP A 303 -21.08 -4.43 -25.40
C ASP A 303 -19.57 -4.60 -25.13
N MET A 304 -18.81 -3.51 -25.20
CA MET A 304 -17.37 -3.56 -24.97
C MET A 304 -17.06 -4.17 -23.60
N MET A 305 -17.69 -3.62 -22.58
CA MET A 305 -17.44 -4.07 -21.23
C MET A 305 -17.92 -5.50 -21.01
N ALA A 306 -19.11 -5.82 -21.53
CA ALA A 306 -19.60 -7.23 -21.48
C ALA A 306 -18.65 -8.19 -22.21
N ASP A 307 -18.19 -7.80 -23.40
CA ASP A 307 -17.28 -8.65 -24.14
C ASP A 307 -15.96 -8.87 -23.38
N PHE A 308 -15.43 -7.83 -22.73
CA PHE A 308 -14.25 -7.95 -21.90
C PHE A 308 -14.53 -8.85 -20.68
N LYS A 309 -15.69 -8.70 -20.08
CA LYS A 309 -16.07 -9.54 -18.96
C LYS A 309 -16.11 -11.05 -19.32
N GLN A 310 -16.57 -11.38 -20.52
CA GLN A 310 -16.53 -12.78 -21.02
C GLN A 310 -15.12 -13.35 -21.11
N GLN A 311 -14.14 -12.47 -21.32
CA GLN A 311 -12.71 -12.89 -21.30
C GLN A 311 -12.05 -12.70 -19.94
N GLY A 312 -12.83 -12.45 -18.90
CA GLY A 312 -12.28 -12.27 -17.58
C GLY A 312 -11.58 -10.93 -17.33
N VAL A 313 -11.90 -9.93 -18.15
CA VAL A 313 -11.22 -8.63 -18.12
C VAL A 313 -12.16 -7.55 -17.62
N LYS A 314 -11.72 -6.82 -16.60
CA LYS A 314 -12.50 -5.73 -15.98
C LYS A 314 -12.17 -4.43 -16.67
N THR A 315 -13.12 -3.51 -16.62
CA THR A 315 -12.92 -2.15 -17.14
C THR A 315 -12.92 -1.11 -16.00
N VAL A 316 -11.89 -0.29 -15.96
CA VAL A 316 -11.78 0.85 -15.02
C VAL A 316 -11.78 2.15 -15.82
N LEU A 317 -12.54 3.13 -15.33
CA LEU A 317 -12.65 4.45 -15.95
C LEU A 317 -12.05 5.53 -15.06
N ILE A 318 -11.38 6.50 -15.68
CA ILE A 318 -10.91 7.71 -14.99
C ILE A 318 -12.07 8.70 -14.72
N THR A 319 -11.97 9.39 -13.60
CA THR A 319 -12.85 10.49 -13.25
C THR A 319 -11.98 11.53 -12.58
N GLU A 320 -12.51 12.75 -12.49
CA GLU A 320 -11.83 13.86 -11.91
C GLU A 320 -12.80 14.75 -11.07
N PRO A 321 -12.24 15.61 -10.20
CA PRO A 321 -13.06 16.50 -9.42
C PRO A 321 -13.74 17.64 -10.20
N PHE A 322 -13.24 17.97 -11.39
CA PHE A 322 -13.59 19.23 -12.05
C PHE A 322 -14.64 19.06 -13.11
N VAL A 323 -15.56 20.01 -13.18
CA VAL A 323 -16.59 20.10 -14.21
C VAL A 323 -16.35 21.40 -14.96
N LEU A 324 -15.97 21.29 -16.23
CA LEU A 324 -15.64 22.46 -17.03
C LEU A 324 -16.91 23.14 -17.49
N THR A 325 -16.80 24.46 -17.68
CA THR A 325 -17.94 25.24 -18.19
C THR A 325 -18.28 24.87 -19.63
N SER A 326 -17.31 24.31 -20.36
CA SER A 326 -17.50 23.75 -21.70
C SER A 326 -18.10 22.31 -21.74
N SER A 327 -18.28 21.65 -20.59
CA SER A 327 -18.72 20.28 -20.55
C SER A 327 -20.22 20.21 -20.60
N LYS A 328 -20.72 19.03 -20.97
CA LYS A 328 -22.15 18.80 -21.05
C LYS A 328 -22.87 18.87 -19.69
N ARG A 329 -22.15 18.76 -18.57
CA ARG A 329 -22.79 18.72 -17.26
C ARG A 329 -22.70 20.04 -16.46
N TRP A 330 -22.07 21.07 -17.02
CA TRP A 330 -22.00 22.38 -16.32
C TRP A 330 -23.36 22.87 -15.83
N ASP A 331 -24.32 23.07 -16.74
CA ASP A 331 -25.62 23.66 -16.37
C ASP A 331 -26.30 22.84 -15.28
N ASP A 332 -26.24 21.52 -15.41
CA ASP A 332 -26.87 20.61 -14.47
C ASP A 332 -26.21 20.61 -13.09
N ALA A 333 -24.89 20.61 -13.08
CA ALA A 333 -24.13 20.75 -11.84
C ALA A 333 -24.46 22.04 -11.08
N VAL A 334 -24.52 23.14 -11.82
CA VAL A 334 -24.93 24.41 -11.25
C VAL A 334 -26.35 24.33 -10.69
N LYS A 335 -27.28 23.78 -11.49
CA LYS A 335 -28.69 23.66 -11.09
C LYS A 335 -28.81 22.83 -9.81
N ALA A 336 -28.06 21.74 -9.73
CA ALA A 336 -28.03 20.85 -8.57
C ALA A 336 -27.23 21.38 -7.38
N LYS A 337 -26.54 22.50 -7.54
CA LYS A 337 -25.68 23.06 -6.48
C LYS A 337 -24.57 22.10 -6.08
N ALA A 338 -23.98 21.41 -7.06
CA ALA A 338 -22.99 20.37 -6.81
C ALA A 338 -21.59 20.93 -6.71
N LEU A 339 -21.39 22.17 -7.14
CA LEU A 339 -20.05 22.73 -7.23
C LEU A 339 -19.74 23.67 -6.07
N ALA A 340 -18.47 23.69 -5.65
CA ALA A 340 -18.02 24.69 -4.70
C ALA A 340 -18.30 26.10 -5.23
N LYS A 341 -18.53 27.01 -4.28
CA LYS A 341 -18.98 28.37 -4.56
C LYS A 341 -17.93 29.40 -4.21
N ASP A 342 -18.13 30.61 -4.66
CA ASP A 342 -17.34 31.75 -4.15
C ASP A 342 -18.06 32.36 -2.92
N PRO A 343 -17.41 33.34 -2.25
CA PRO A 343 -18.05 34.00 -1.11
C PRO A 343 -19.36 34.70 -1.45
N GLN A 344 -19.47 35.15 -2.70
CA GLN A 344 -20.71 35.74 -3.24
C GLN A 344 -21.84 34.70 -3.39
N GLY A 345 -21.53 33.41 -3.47
CA GLY A 345 -22.54 32.31 -3.52
C GLY A 345 -22.85 31.67 -4.88
N GLN A 346 -22.15 32.11 -5.91
CA GLN A 346 -22.24 31.57 -7.26
C GLN A 346 -21.24 30.40 -7.35
N PRO A 347 -21.45 29.50 -8.32
CA PRO A 347 -20.42 28.50 -8.61
C PRO A 347 -19.08 29.16 -8.90
N LYS A 348 -18.03 28.67 -8.26
CA LYS A 348 -16.68 29.14 -8.51
C LYS A 348 -16.13 28.49 -9.79
N ALA A 349 -15.68 29.32 -10.74
CA ALA A 349 -15.01 28.84 -11.94
C ALA A 349 -13.59 29.37 -11.98
N PHE A 350 -12.68 28.59 -12.53
CA PHE A 350 -11.26 28.96 -12.54
C PHE A 350 -10.50 28.18 -13.59
N GLU A 351 -9.32 28.66 -13.97
CA GLU A 351 -8.53 28.03 -15.03
C GLU A 351 -7.74 26.86 -14.45
N LEU A 352 -7.83 25.76 -15.20
CA LEU A 352 -7.06 24.55 -14.96
C LEU A 352 -6.24 24.25 -16.18
N TYR A 353 -5.31 23.31 -16.08
CA TYR A 353 -4.65 22.79 -17.30
C TYR A 353 -5.67 22.40 -18.37
N PHE A 354 -6.74 21.74 -17.92
CA PHE A 354 -7.77 21.16 -18.79
C PHE A 354 -8.81 22.13 -19.35
N GLY A 355 -8.87 23.35 -18.80
CA GLY A 355 -9.77 24.39 -19.30
C GLY A 355 -10.33 25.17 -18.14
N ASN A 356 -11.50 25.75 -18.32
CA ASN A 356 -12.13 26.60 -17.30
C ASN A 356 -13.30 25.86 -16.60
N GLY A 357 -13.28 25.81 -15.27
CA GLY A 357 -14.28 25.04 -14.55
C GLY A 357 -14.30 25.16 -13.05
N GLY A 358 -15.21 24.37 -12.50
CA GLY A 358 -15.47 24.31 -11.07
C GLY A 358 -15.09 22.97 -10.50
N ILE A 359 -15.24 22.85 -9.19
CA ILE A 359 -14.87 21.63 -8.49
C ILE A 359 -16.09 21.13 -7.74
N ILE A 360 -16.32 19.83 -7.85
CA ILE A 360 -17.48 19.19 -7.24
C ILE A 360 -17.24 19.21 -5.74
N ASP A 361 -18.22 19.70 -4.99
CA ASP A 361 -18.04 19.79 -3.56
C ASP A 361 -18.43 18.47 -2.90
N VAL A 362 -17.46 17.59 -2.79
CA VAL A 362 -17.65 16.31 -2.09
C VAL A 362 -17.92 16.46 -0.58
N PHE A 363 -17.66 17.65 -0.02
CA PHE A 363 -18.03 17.92 1.38
C PHE A 363 -19.48 18.31 1.56
N SER A 364 -20.27 18.43 0.49
CA SER A 364 -21.68 18.82 0.63
C SER A 364 -22.54 17.64 0.30
N LYS A 365 -23.75 17.72 0.82
CA LYS A 365 -24.79 16.78 0.54
C LYS A 365 -25.12 16.78 -0.94
N GLU A 366 -25.25 17.98 -1.52
CA GLU A 366 -25.69 18.12 -2.91
C GLU A 366 -24.62 17.59 -3.88
N GLY A 367 -23.38 17.98 -3.65
CA GLY A 367 -22.26 17.55 -4.45
C GLY A 367 -22.11 16.04 -4.39
N SER A 368 -22.19 15.48 -3.18
CA SER A 368 -22.03 14.04 -2.99
C SER A 368 -23.13 13.23 -3.68
N ARG A 369 -24.38 13.67 -3.58
CA ARG A 369 -25.51 12.95 -4.18
C ARG A 369 -25.37 13.00 -5.73
N TRP A 370 -25.02 14.18 -6.23
CA TRP A 370 -24.91 14.37 -7.67
C TRP A 370 -23.80 13.50 -8.26
N PHE A 371 -22.60 13.57 -7.68
CA PHE A 371 -21.45 12.79 -8.15
C PHE A 371 -21.69 11.27 -7.99
N SER A 372 -22.21 10.91 -6.81
CA SER A 372 -22.52 9.49 -6.50
C SER A 372 -23.49 8.84 -7.49
N SER A 373 -24.53 9.58 -7.87
N SER A 373 -24.53 9.57 -7.88
CA SER A 373 -25.50 9.14 -8.87
CA SER A 373 -25.51 9.09 -8.85
C SER A 373 -24.83 8.80 -10.20
C SER A 373 -24.86 8.82 -10.22
N ILE A 374 -23.86 9.61 -10.59
CA ILE A 374 -23.13 9.40 -11.86
C ILE A 374 -22.28 8.12 -11.78
N TYR A 375 -21.53 7.94 -10.70
CA TYR A 375 -20.82 6.68 -10.44
C TYR A 375 -21.74 5.45 -10.45
N LYS A 376 -22.90 5.57 -9.84
CA LYS A 376 -23.83 4.47 -9.77
C LYS A 376 -24.30 4.03 -11.15
N ASP A 377 -24.65 5.01 -11.96
CA ASP A 377 -25.14 4.79 -13.31
C ASP A 377 -24.07 4.07 -14.19
N LEU A 378 -22.87 4.62 -14.20
CA LEU A 378 -21.77 4.02 -14.99
C LEU A 378 -21.41 2.63 -14.45
N SER A 379 -21.46 2.44 -13.15
CA SER A 379 -21.18 1.14 -12.55
C SER A 379 -22.21 0.13 -12.97
N LYS A 380 -23.47 0.57 -13.01
CA LYS A 380 -24.53 -0.30 -13.52
C LYS A 380 -24.30 -0.73 -14.96
N GLN A 381 -23.74 0.14 -15.77
CA GLN A 381 -23.42 -0.17 -17.18
C GLN A 381 -22.32 -1.22 -17.39
N GLY A 382 -21.49 -1.47 -16.37
CA GLY A 382 -20.48 -2.53 -16.41
C GLY A 382 -19.12 -2.14 -15.88
N VAL A 383 -18.92 -0.91 -15.41
CA VAL A 383 -17.62 -0.47 -14.91
C VAL A 383 -17.34 -1.20 -13.59
N ALA A 384 -16.19 -1.83 -13.49
CA ALA A 384 -15.84 -2.68 -12.36
C ALA A 384 -15.05 -1.97 -11.26
N GLY A 385 -14.36 -0.88 -11.61
CA GLY A 385 -13.54 -0.17 -10.67
C GLY A 385 -13.31 1.24 -11.15
N TRP A 386 -12.70 2.04 -10.29
CA TRP A 386 -12.65 3.47 -10.47
C TRP A 386 -11.27 4.08 -10.20
N TRP A 387 -10.95 5.06 -11.04
CA TRP A 387 -9.69 5.78 -11.02
C TRP A 387 -10.05 7.26 -10.82
N GLY A 388 -9.57 7.89 -9.75
CA GLY A 388 -9.83 9.30 -9.46
C GLY A 388 -8.50 10.02 -9.55
N ASP A 389 -8.34 10.86 -10.57
CA ASP A 389 -7.11 11.58 -10.80
C ASP A 389 -7.32 13.04 -10.35
N LEU A 390 -6.22 13.74 -10.04
CA LEU A 390 -6.26 15.20 -9.76
C LEU A 390 -6.91 15.60 -8.44
N GLY A 391 -6.98 14.66 -7.49
CA GLY A 391 -7.62 14.90 -6.20
C GLY A 391 -6.85 15.70 -5.16
N GLU A 392 -5.77 16.38 -5.55
CA GLU A 392 -5.00 17.18 -4.60
C GLU A 392 -5.81 18.26 -3.84
N PRO A 393 -6.79 18.96 -4.44
CA PRO A 393 -7.09 19.03 -5.87
C PRO A 393 -6.00 19.73 -6.62
N GLU A 394 -5.77 19.33 -7.86
CA GLU A 394 -4.60 19.85 -8.60
C GLU A 394 -4.58 21.38 -8.66
N MET A 395 -5.74 22.00 -8.84
CA MET A 395 -5.88 23.46 -8.79
C MET A 395 -7.03 23.72 -7.82
N HIS A 396 -6.81 24.61 -6.86
CA HIS A 396 -7.74 24.80 -5.76
C HIS A 396 -7.62 26.22 -5.22
N PRO A 397 -8.19 27.20 -5.95
CA PRO A 397 -7.99 28.58 -5.52
C PRO A 397 -8.53 28.83 -4.10
N GLU A 398 -7.79 29.68 -3.41
CA GLU A 398 -7.94 29.99 -1.99
C GLU A 398 -9.35 30.42 -1.57
N ASP A 399 -10.04 31.18 -2.41
CA ASP A 399 -11.37 31.65 -2.04
C ASP A 399 -12.51 30.70 -2.41
N THR A 400 -12.19 29.54 -2.98
CA THR A 400 -13.19 28.52 -3.20
C THR A 400 -13.77 28.10 -1.87
N GLN A 401 -15.10 28.01 -1.77
CA GLN A 401 -15.77 27.66 -0.54
C GLN A 401 -16.46 26.34 -0.68
N HIS A 402 -16.14 25.42 0.22
CA HIS A 402 -16.82 24.16 0.37
C HIS A 402 -17.80 24.25 1.51
N ALA A 403 -18.66 23.27 1.64
CA ALA A 403 -19.70 23.28 2.68
C ALA A 403 -19.18 23.47 4.11
N ILE A 404 -17.99 22.91 4.40
CA ILE A 404 -17.42 22.95 5.74
C ILE A 404 -16.21 23.87 5.91
N GLY A 405 -15.81 24.59 4.87
CA GLY A 405 -14.68 25.52 4.99
C GLY A 405 -14.11 25.90 3.65
N ASP A 406 -13.17 26.84 3.68
CA ASP A 406 -12.54 27.28 2.44
C ASP A 406 -11.48 26.26 1.92
N ALA A 407 -11.02 26.48 0.70
CA ALA A 407 -10.11 25.55 0.02
C ALA A 407 -8.87 25.29 0.85
N ASP A 408 -8.22 26.37 1.35
CA ASP A 408 -7.03 26.22 2.17
C ASP A 408 -7.24 25.43 3.46
N THR A 409 -8.43 25.50 4.03
CA THR A 409 -8.74 24.78 5.25
C THR A 409 -8.98 23.25 5.03
N VAL A 410 -9.66 22.89 3.93
CA VAL A 410 -10.02 21.48 3.65
C VAL A 410 -9.08 20.76 2.65
N HIS A 411 -8.14 21.50 2.05
CA HIS A 411 -7.35 21.03 0.89
C HIS A 411 -6.85 19.56 0.97
N ASN A 412 -6.15 19.24 2.05
CA ASN A 412 -5.50 17.95 2.18
C ASN A 412 -6.39 16.78 2.54
N ALA A 413 -7.69 17.07 2.72
CA ALA A 413 -8.71 16.07 2.91
C ALA A 413 -9.69 15.90 1.75
N TYR A 414 -9.58 16.71 0.69
CA TYR A 414 -10.53 16.63 -0.44
C TYR A 414 -10.54 15.17 -1.00
N GLY A 415 -9.36 14.69 -1.42
CA GLY A 415 -9.20 13.33 -1.96
C GLY A 415 -9.71 12.19 -1.05
N HIS A 416 -9.44 12.36 0.25
CA HIS A 416 -9.86 11.48 1.32
C HIS A 416 -11.38 11.37 1.38
N ARG A 417 -12.05 12.50 1.39
CA ARG A 417 -13.52 12.52 1.36
C ARG A 417 -14.08 12.00 0.02
N TRP A 418 -13.43 12.34 -1.08
CA TRP A 418 -13.80 11.78 -2.39
C TRP A 418 -13.74 10.22 -2.35
N ALA A 419 -12.67 9.67 -1.77
CA ALA A 419 -12.61 8.21 -1.62
C ALA A 419 -13.72 7.69 -0.73
N GLU A 420 -13.98 8.36 0.38
CA GLU A 420 -15.06 7.91 1.29
C GLU A 420 -16.42 7.84 0.58
N MET A 421 -16.75 8.92 -0.13
CA MET A 421 -17.97 9.04 -0.90
C MET A 421 -18.09 7.87 -1.88
N LEU A 422 -17.01 7.61 -2.64
CA LEU A 422 -17.06 6.61 -3.68
C LEU A 422 -17.09 5.22 -3.07
N TYR A 423 -16.33 5.01 -2.00
CA TYR A 423 -16.34 3.75 -1.28
C TYR A 423 -17.75 3.39 -0.73
N GLN A 424 -18.35 4.32 -0.01
CA GLN A 424 -19.71 4.17 0.52
C GLN A 424 -20.70 3.90 -0.60
N GLN A 425 -20.57 4.64 -1.69
CA GLN A 425 -21.44 4.44 -2.85
C GLN A 425 -21.34 3.02 -3.44
N GLN A 426 -20.11 2.55 -3.63
CA GLN A 426 -19.85 1.24 -4.22
C GLN A 426 -20.34 0.12 -3.31
N LEU A 427 -20.19 0.28 -2.00
CA LEU A 427 -20.69 -0.70 -1.06
C LEU A 427 -22.19 -0.73 -1.03
N ASP A 428 -22.83 0.44 -1.12
CA ASP A 428 -24.29 0.49 -1.22
C ASP A 428 -24.82 -0.20 -2.50
N GLN A 429 -24.15 0.04 -3.63
CA GLN A 429 -24.57 -0.57 -4.88
C GLN A 429 -24.26 -2.08 -5.01
N PHE A 430 -23.04 -2.48 -4.62
CA PHE A 430 -22.55 -3.85 -4.74
C PHE A 430 -22.03 -4.32 -3.39
N PRO A 431 -22.95 -4.64 -2.46
CA PRO A 431 -22.48 -5.06 -1.13
C PRO A 431 -21.72 -6.37 -1.12
N GLU A 432 -21.77 -7.17 -2.19
CA GLU A 432 -21.03 -8.42 -2.26
C GLU A 432 -19.75 -8.32 -3.04
N LEU A 433 -19.30 -7.11 -3.35
CA LEU A 433 -18.02 -6.92 -4.06
C LEU A 433 -17.14 -5.94 -3.31
N ARG A 434 -15.83 -6.07 -3.55
CA ARG A 434 -14.83 -5.23 -2.95
C ARG A 434 -14.55 -4.05 -3.90
N PRO A 435 -14.73 -2.82 -3.43
CA PRO A 435 -14.44 -1.71 -4.31
C PRO A 435 -12.95 -1.59 -4.68
N PHE A 436 -12.70 -1.14 -5.91
CA PHE A 436 -11.38 -0.80 -6.43
C PHE A 436 -11.40 0.71 -6.67
N ILE A 437 -10.65 1.43 -5.86
CA ILE A 437 -10.58 2.90 -5.92
C ILE A 437 -9.10 3.33 -5.95
N MET A 438 -8.65 3.79 -7.10
CA MET A 438 -7.29 4.19 -7.32
C MET A 438 -7.22 5.72 -7.38
N MET A 439 -6.51 6.33 -6.44
CA MET A 439 -6.39 7.78 -6.33
C MET A 439 -4.97 8.21 -6.01
N ARG A 440 -4.72 9.47 -6.33
CA ARG A 440 -3.41 10.11 -6.31
C ARG A 440 -3.15 10.91 -5.03
N ALA A 441 -4.21 11.25 -4.33
CA ALA A 441 -4.11 12.10 -3.16
C ALA A 441 -5.16 11.76 -2.12
N GLY A 442 -4.74 11.74 -0.87
CA GLY A 442 -5.59 11.39 0.28
C GLY A 442 -5.07 12.02 1.56
N PHE A 443 -5.42 11.40 2.68
CA PHE A 443 -5.06 11.84 4.00
C PHE A 443 -4.71 10.62 4.83
N VAL A 444 -4.19 10.84 6.03
CA VAL A 444 -4.05 9.74 7.00
C VAL A 444 -5.44 9.10 7.19
N GLY A 445 -5.47 7.78 7.09
CA GLY A 445 -6.72 7.02 7.17
C GLY A 445 -7.43 6.65 5.88
N SER A 446 -7.00 7.21 4.74
CA SER A 446 -7.70 6.98 3.49
C SER A 446 -7.72 5.51 3.12
N GLN A 447 -6.74 4.75 3.61
CA GLN A 447 -6.74 3.31 3.37
C GLN A 447 -8.00 2.61 3.87
N ARG A 448 -8.67 3.18 4.87
CA ARG A 448 -9.94 2.58 5.33
C ARG A 448 -11.07 2.68 4.32
N TYR A 449 -10.93 3.53 3.31
CA TYR A 449 -11.85 3.62 2.19
C TYR A 449 -11.35 2.84 0.95
N GLY A 450 -10.40 1.94 1.15
CA GLY A 450 -9.84 1.18 0.08
C GLY A 450 -8.90 1.91 -0.86
N MET A 451 -8.36 3.08 -0.49
CA MET A 451 -7.60 3.87 -1.47
C MET A 451 -6.33 3.13 -1.87
N ILE A 452 -6.14 2.95 -3.16
CA ILE A 452 -4.92 2.39 -3.72
C ILE A 452 -4.20 3.56 -4.41
N PRO A 453 -3.12 4.07 -3.81
CA PRO A 453 -2.44 5.24 -4.41
C PRO A 453 -1.31 4.86 -5.35
N TRP A 454 -0.99 5.77 -6.27
CA TRP A 454 0.16 5.62 -7.13
C TRP A 454 0.93 6.93 -7.11
N THR A 455 2.22 6.85 -7.46
CA THR A 455 3.11 7.96 -7.22
C THR A 455 3.13 9.01 -8.35
N GLY A 456 2.03 9.16 -9.08
CA GLY A 456 1.86 10.26 -10.02
C GLY A 456 2.70 10.21 -11.28
N ASP A 457 2.91 11.41 -11.85
CA ASP A 457 3.38 11.53 -13.23
C ASP A 457 4.92 11.53 -13.27
N VAL A 458 5.48 10.39 -12.90
CA VAL A 458 6.91 10.22 -12.82
C VAL A 458 7.56 10.33 -14.21
N SER A 459 8.74 10.93 -14.29
CA SER A 459 9.43 11.04 -15.57
C SER A 459 9.87 9.62 -16.04
N ARG A 460 10.10 9.49 -17.34
CA ARG A 460 10.68 8.27 -17.90
C ARG A 460 12.19 8.28 -17.79
N THR A 461 12.69 8.36 -16.57
CA THR A 461 14.14 8.39 -16.33
C THR A 461 14.52 7.39 -15.26
N TRP A 462 15.78 6.98 -15.30
CA TRP A 462 16.32 6.11 -14.27
C TRP A 462 16.11 6.72 -12.87
N GLY A 463 16.25 8.04 -12.75
CA GLY A 463 16.04 8.74 -11.48
C GLY A 463 14.62 8.57 -10.96
N GLY A 464 13.66 8.65 -11.85
CA GLY A 464 12.26 8.39 -11.50
C GLY A 464 12.05 6.96 -10.96
N LEU A 465 12.70 5.97 -11.58
CA LEU A 465 12.66 4.61 -11.07
C LEU A 465 13.36 4.47 -9.70
N ALA A 466 14.55 5.06 -9.62
CA ALA A 466 15.38 4.97 -8.42
C ALA A 466 14.73 5.57 -7.16
N SER A 467 13.72 6.43 -7.34
CA SER A 467 12.94 7.03 -6.24
C SER A 467 11.76 6.20 -5.72
N GLN A 468 11.34 5.18 -6.45
CA GLN A 468 10.07 4.53 -6.16
C GLN A 468 10.11 3.69 -4.90
N VAL A 469 11.23 3.04 -4.58
CA VAL A 469 11.27 2.25 -3.34
C VAL A 469 11.12 3.23 -2.14
N GLU A 470 11.82 4.37 -2.20
CA GLU A 470 11.70 5.35 -1.11
C GLU A 470 10.24 5.77 -0.95
N LEU A 471 9.63 6.16 -2.04
CA LEU A 471 8.24 6.60 -1.99
C LEU A 471 7.30 5.49 -1.47
N ALA A 472 7.51 4.26 -1.94
CA ALA A 472 6.65 3.16 -1.53
C ALA A 472 6.74 2.87 -0.04
N LEU A 473 7.95 2.83 0.47
CA LEU A 473 8.17 2.51 1.87
C LEU A 473 7.62 3.63 2.75
N GLN A 474 7.78 4.87 2.33
CA GLN A 474 7.30 5.98 3.15
C GLN A 474 5.78 5.95 3.29
N MET A 475 5.09 5.61 2.21
CA MET A 475 3.61 5.51 2.22
C MET A 475 3.16 4.22 2.92
N SER A 476 3.90 3.13 2.67
CA SER A 476 3.57 1.81 3.28
C SER A 476 3.63 1.85 4.80
N LEU A 477 4.64 2.57 5.32
CA LEU A 477 4.84 2.65 6.75
C LEU A 477 3.70 3.35 7.49
N LEU A 478 3.02 4.27 6.79
CA LEU A 478 1.96 5.11 7.33
C LEU A 478 0.59 4.82 6.71
N GLY A 479 0.37 3.55 6.38
CA GLY A 479 -0.97 3.02 6.14
C GLY A 479 -1.34 2.52 4.75
N PHE A 480 -0.45 2.70 3.77
CA PHE A 480 -0.82 2.45 2.36
C PHE A 480 -0.07 1.31 1.76
N GLY A 481 -0.61 0.11 1.96
CA GLY A 481 0.04 -1.09 1.47
C GLY A 481 0.10 -1.24 -0.04
N TYR A 482 -0.81 -0.57 -0.76
CA TYR A 482 -0.94 -0.75 -2.23
C TYR A 482 -0.37 0.39 -3.08
N ILE A 483 0.45 1.23 -2.46
CA ILE A 483 1.24 2.24 -3.13
C ILE A 483 2.07 1.60 -4.23
N HIS A 484 2.08 2.23 -5.41
CA HIS A 484 2.84 1.67 -6.51
C HIS A 484 3.17 2.76 -7.51
N SER A 485 3.87 2.40 -8.57
CA SER A 485 4.23 3.39 -9.62
C SER A 485 3.65 3.04 -10.97
N ASP A 486 3.58 4.04 -11.83
CA ASP A 486 3.38 3.81 -13.25
C ASP A 486 4.59 3.04 -13.77
N LEU A 487 4.40 1.74 -14.00
CA LEU A 487 5.53 0.93 -14.43
C LEU A 487 6.04 1.34 -15.81
N GLY A 488 7.36 1.50 -15.91
CA GLY A 488 8.00 2.01 -17.12
C GLY A 488 8.17 3.51 -17.21
N GLY A 489 7.51 4.23 -16.31
CA GLY A 489 7.49 5.70 -16.33
C GLY A 489 6.40 6.29 -17.19
N PHE A 490 5.99 7.51 -16.85
CA PHE A 490 4.82 8.17 -17.44
C PHE A 490 5.10 9.36 -18.36
N ALA A 491 5.93 10.29 -17.89
CA ALA A 491 5.98 11.64 -18.45
C ALA A 491 7.05 11.81 -19.54
N ASP A 492 6.66 12.49 -20.61
CA ASP A 492 7.55 12.96 -21.66
C ASP A 492 8.35 11.81 -22.27
N GLY A 493 9.63 12.03 -22.58
CA GLY A 493 10.40 11.08 -23.39
C GLY A 493 10.03 11.20 -24.86
N GLU A 494 10.95 10.86 -25.73
CA GLU A 494 10.70 10.85 -27.16
C GLU A 494 10.84 9.45 -27.74
N THR A 495 11.67 8.61 -27.15
CA THR A 495 11.71 7.21 -27.56
C THR A 495 11.94 6.35 -26.34
N LEU A 496 11.48 5.10 -26.42
CA LEU A 496 11.58 4.16 -25.30
C LEU A 496 13.03 3.99 -24.81
N ASP A 497 13.23 4.07 -23.50
CA ASP A 497 14.52 3.69 -22.94
C ASP A 497 14.32 2.22 -22.55
N LYS A 498 14.76 1.32 -23.41
CA LYS A 498 14.38 -0.09 -23.32
C LYS A 498 14.88 -0.72 -22.01
N GLU A 499 16.15 -0.50 -21.68
CA GLU A 499 16.72 -1.07 -20.46
C GLU A 499 16.03 -0.57 -19.19
N MET A 500 15.74 0.73 -19.14
CA MET A 500 15.02 1.31 -18.03
C MET A 500 13.62 0.68 -17.87
N TYR A 501 12.92 0.57 -18.99
CA TYR A 501 11.59 0.01 -19.04
C TYR A 501 11.57 -1.45 -18.51
N ILE A 502 12.51 -2.26 -18.98
CA ILE A 502 12.62 -3.66 -18.52
C ILE A 502 12.87 -3.70 -17.02
N ARG A 503 13.84 -2.92 -16.54
CA ARG A 503 14.12 -2.90 -15.11
C ARG A 503 12.91 -2.51 -14.29
N TRP A 504 12.17 -1.52 -14.76
CA TRP A 504 11.01 -1.01 -14.05
C TRP A 504 9.88 -2.06 -14.01
N LEU A 505 9.66 -2.76 -15.12
CA LEU A 505 8.63 -3.81 -15.13
C LEU A 505 9.06 -5.11 -14.38
N GLN A 506 10.35 -5.34 -14.24
CA GLN A 506 10.91 -6.41 -13.35
C GLN A 506 10.63 -6.12 -11.88
N TYR A 507 11.03 -4.91 -11.48
CA TYR A 507 10.73 -4.41 -10.15
C TYR A 507 9.22 -4.48 -9.91
N GLY A 508 8.44 -4.10 -10.92
CA GLY A 508 6.96 -4.18 -10.87
C GLY A 508 6.39 -5.47 -10.29
N VAL A 509 7.01 -6.59 -10.60
CA VAL A 509 6.55 -7.92 -10.13
C VAL A 509 6.53 -8.01 -8.60
N PHE A 510 7.44 -7.26 -7.96
CA PHE A 510 7.72 -7.32 -6.52
C PHE A 510 7.31 -6.03 -5.82
N GLN A 511 6.26 -5.38 -6.34
CA GLN A 511 5.68 -4.23 -5.68
C GLN A 511 4.16 -4.29 -5.90
N PRO A 512 3.38 -3.46 -5.16
CA PRO A 512 2.01 -3.88 -4.90
C PRO A 512 1.00 -4.02 -6.04
N VAL A 513 1.06 -3.17 -7.07
CA VAL A 513 0.09 -3.22 -8.13
C VAL A 513 0.79 -3.20 -9.48
N TYR A 514 0.44 -4.14 -10.35
CA TYR A 514 1.17 -4.34 -11.63
C TYR A 514 0.52 -3.53 -12.79
N ARG A 515 0.83 -2.24 -12.83
CA ARG A 515 0.13 -1.30 -13.70
C ARG A 515 1.15 -0.43 -14.47
N PRO A 516 1.67 -0.98 -15.56
CA PRO A 516 2.41 -0.13 -16.50
C PRO A 516 1.46 0.93 -17.12
N HIS A 517 1.95 2.16 -17.22
CA HIS A 517 1.13 3.31 -17.60
C HIS A 517 2.03 4.46 -18.05
N GLY A 518 1.70 5.10 -19.16
CA GLY A 518 2.52 6.20 -19.64
C GLY A 518 1.81 6.94 -20.73
N GLN A 519 2.33 8.12 -21.02
CA GLN A 519 1.83 8.90 -22.14
C GLN A 519 2.01 8.13 -23.45
N ASP A 520 0.96 8.10 -24.27
CA ASP A 520 0.85 7.17 -25.38
C ASP A 520 1.68 7.37 -26.62
N HIS A 521 2.49 8.41 -26.66
CA HIS A 521 3.53 8.51 -27.69
C HIS A 521 4.64 7.43 -27.56
N ILE A 522 4.77 6.82 -26.41
CA ILE A 522 5.63 5.64 -26.20
C ILE A 522 4.76 4.57 -25.47
N PRO A 523 4.72 3.33 -25.96
CA PRO A 523 3.85 2.34 -25.36
C PRO A 523 4.22 1.97 -23.93
N SER A 524 3.23 1.95 -23.06
CA SER A 524 3.42 1.51 -21.69
C SER A 524 3.19 0.02 -21.48
N GLU A 525 2.32 -0.57 -22.29
CA GLU A 525 1.95 -1.97 -22.10
C GLU A 525 3.06 -2.92 -22.59
N PRO A 526 3.30 -4.02 -21.86
CA PRO A 526 4.40 -4.91 -22.22
C PRO A 526 4.19 -5.69 -23.50
N VAL A 527 2.93 -5.83 -23.91
CA VAL A 527 2.57 -6.53 -25.14
C VAL A 527 2.97 -5.76 -26.40
N PHE A 528 3.26 -4.48 -26.28
CA PHE A 528 3.63 -3.65 -27.43
C PHE A 528 5.13 -3.42 -27.49
N GLN A 529 5.92 -4.32 -26.94
CA GLN A 529 7.34 -4.12 -26.87
C GLN A 529 8.00 -5.07 -27.84
N ASP A 530 9.32 -4.95 -27.99
CA ASP A 530 10.02 -5.79 -28.97
C ASP A 530 10.18 -7.23 -28.45
N GLU A 531 10.61 -8.13 -29.35
CA GLU A 531 10.66 -9.56 -29.04
C GLU A 531 11.53 -9.87 -27.83
N GLU A 532 12.69 -9.23 -27.77
CA GLU A 532 13.58 -9.38 -26.62
C GLU A 532 12.92 -8.98 -25.29
N THR A 533 12.28 -7.82 -25.29
CA THR A 533 11.63 -7.29 -24.11
C THR A 533 10.51 -8.25 -23.67
N LYS A 534 9.71 -8.71 -24.62
CA LYS A 534 8.61 -9.65 -24.27
C LYS A 534 9.13 -10.98 -23.81
N ALA A 535 10.23 -11.46 -24.40
CA ALA A 535 10.79 -12.73 -23.97
C ALA A 535 11.29 -12.62 -22.52
N ILE A 536 11.73 -11.44 -22.12
CA ILE A 536 12.12 -11.18 -20.74
C ILE A 536 10.90 -11.05 -19.81
N LEU A 537 9.93 -10.24 -20.19
CA LEU A 537 8.86 -9.90 -19.27
C LEU A 537 7.72 -10.92 -19.21
N ARG A 538 7.47 -11.68 -20.29
CA ARG A 538 6.33 -12.60 -20.29
C ARG A 538 6.44 -13.61 -19.12
N PRO A 539 7.60 -14.28 -18.95
CA PRO A 539 7.66 -15.24 -17.83
C PRO A 539 7.62 -14.58 -16.45
N LEU A 540 7.97 -13.29 -16.37
CA LEU A 540 7.85 -12.55 -15.11
C LEU A 540 6.41 -12.10 -14.82
N VAL A 541 5.67 -11.69 -15.83
CA VAL A 541 4.25 -11.37 -15.61
C VAL A 541 3.53 -12.70 -15.25
N LYS A 542 3.90 -13.81 -15.85
CA LYS A 542 3.32 -15.09 -15.43
C LYS A 542 3.73 -15.46 -14.03
N LEU A 543 5.01 -15.24 -13.67
CA LEU A 543 5.46 -15.41 -12.29
C LEU A 543 4.60 -14.69 -11.26
N ARG A 544 4.28 -13.43 -11.57
CA ARG A 544 3.35 -12.65 -10.73
C ARG A 544 2.06 -13.43 -10.46
N TYR A 545 1.46 -14.02 -11.50
CA TYR A 545 0.24 -14.82 -11.33
C TYR A 545 0.50 -16.15 -10.57
N ARG A 546 1.62 -16.81 -10.89
CA ARG A 546 1.96 -18.05 -10.18
C ARG A 546 2.15 -17.81 -8.68
N MET A 547 2.67 -16.63 -8.35
CA MET A 547 2.91 -16.18 -6.98
C MET A 547 1.70 -15.59 -6.28
N LEU A 548 0.53 -15.57 -6.89
CA LEU A 548 -0.62 -15.03 -6.22
C LEU A 548 -0.88 -15.53 -4.80
N PRO A 549 -0.67 -16.83 -4.51
CA PRO A 549 -0.90 -17.20 -3.11
C PRO A 549 0.07 -16.51 -2.14
N TYR A 550 1.31 -16.24 -2.55
CA TYR A 550 2.24 -15.48 -1.69
C TYR A 550 1.77 -14.01 -1.49
N ILE A 551 1.38 -13.39 -2.60
CA ILE A 551 1.05 -11.97 -2.60
C ILE A 551 -0.29 -11.75 -1.85
N TYR A 552 -1.25 -12.60 -2.13
CA TYR A 552 -2.59 -12.48 -1.59
C TYR A 552 -2.59 -12.79 -0.09
N THR A 553 -1.70 -13.70 0.34
CA THR A 553 -1.46 -13.91 1.75
C THR A 553 -0.86 -12.67 2.48
N ALA A 554 0.12 -12.02 1.86
CA ALA A 554 0.60 -10.70 2.37
C ALA A 554 -0.50 -9.63 2.39
N ALA A 555 -1.37 -9.64 1.39
CA ALA A 555 -2.54 -8.74 1.38
C ALA A 555 -3.48 -8.99 2.56
N TYR A 556 -3.83 -10.24 2.77
CA TYR A 556 -4.56 -10.65 3.95
C TYR A 556 -3.90 -10.15 5.25
N GLN A 557 -2.58 -10.34 5.41
CA GLN A 557 -1.90 -9.86 6.60
C GLN A 557 -1.98 -8.34 6.72
N ASN A 558 -1.92 -7.64 5.59
CA ASN A 558 -2.10 -6.17 5.59
C ASN A 558 -3.48 -5.79 6.11
N THR A 559 -4.51 -6.49 5.66
CA THR A 559 -5.86 -6.24 6.16
C THR A 559 -5.95 -6.53 7.66
N LEU A 560 -5.31 -7.61 8.15
CA LEU A 560 -5.39 -7.94 9.57
C LEU A 560 -4.64 -6.99 10.49
N THR A 561 -3.44 -6.58 10.08
CA THR A 561 -2.51 -5.93 10.99
C THR A 561 -1.90 -4.62 10.49
N GLY A 562 -2.22 -4.19 9.26
CA GLY A 562 -1.54 -3.05 8.66
C GLY A 562 -0.17 -3.38 8.11
N MET A 563 0.27 -4.63 8.24
CA MET A 563 1.65 -4.98 7.84
C MET A 563 1.79 -4.70 6.34
N PRO A 564 2.71 -3.81 5.97
CA PRO A 564 2.78 -3.49 4.55
C PRO A 564 3.31 -4.65 3.71
N LEU A 565 3.00 -4.64 2.43
CA LEU A 565 3.46 -5.69 1.51
C LEU A 565 4.96 -5.50 1.26
N MET A 566 5.36 -4.24 1.00
CA MET A 566 6.79 -3.90 0.98
C MET A 566 7.23 -3.47 2.38
N ARG A 567 8.29 -4.08 2.88
CA ARG A 567 8.81 -3.72 4.20
C ARG A 567 10.26 -3.23 4.07
N PRO A 568 10.62 -2.20 4.85
CA PRO A 568 11.99 -1.72 4.74
C PRO A 568 13.03 -2.66 5.34
N LEU A 569 14.26 -2.50 4.89
CA LEU A 569 15.38 -3.29 5.41
C LEU A 569 15.46 -3.14 6.92
N PHE A 570 15.18 -1.95 7.44
CA PHE A 570 15.30 -1.72 8.88
C PHE A 570 14.43 -2.60 9.79
N PHE A 571 13.39 -3.23 9.25
CA PHE A 571 12.63 -4.21 10.04
C PHE A 571 13.51 -5.38 10.46
N SER A 572 14.57 -5.69 9.70
CA SER A 572 15.40 -6.86 10.00
C SER A 572 16.22 -6.73 11.30
N ASP A 573 16.47 -5.51 11.77
CA ASP A 573 17.20 -5.29 13.01
C ASP A 573 16.81 -3.92 13.57
N GLU A 574 15.91 -3.95 14.55
CA GLU A 574 15.35 -2.73 15.11
C GLU A 574 16.34 -2.00 16.02
N LYS A 575 17.45 -2.63 16.39
CA LYS A 575 18.46 -2.01 17.21
C LYS A 575 19.56 -1.38 16.39
N ASN A 576 19.47 -1.44 15.06
CA ASN A 576 20.47 -0.81 14.19
C ASN A 576 19.78 0.31 13.43
N PRO A 577 19.79 1.53 13.98
CA PRO A 577 19.04 2.60 13.31
C PRO A 577 19.67 3.08 12.00
N ALA A 578 20.95 2.82 11.77
CA ALA A 578 21.55 3.12 10.44
C ALA A 578 20.83 2.43 9.25
N LEU A 579 20.17 1.29 9.46
CA LEU A 579 19.43 0.63 8.39
C LEU A 579 18.27 1.45 7.87
N ILE A 580 17.72 2.34 8.71
CA ILE A 580 16.64 3.24 8.30
C ILE A 580 16.95 3.99 7.00
N ASP A 581 18.23 4.31 6.74
CA ASP A 581 18.59 5.06 5.54
C ASP A 581 18.47 4.26 4.25
N ASN A 582 18.41 2.93 4.33
CA ASN A 582 18.36 2.13 3.13
C ASN A 582 17.06 2.28 2.33
N LYS A 583 17.20 2.67 1.05
CA LYS A 583 16.07 2.82 0.12
C LYS A 583 16.35 2.08 -1.19
N THR A 584 17.20 1.05 -1.13
CA THR A 584 17.60 0.30 -2.33
C THR A 584 17.31 -1.21 -2.25
N SER A 585 17.11 -1.78 -1.05
CA SER A 585 16.73 -3.21 -0.88
C SER A 585 15.53 -3.22 0.05
N TYR A 586 14.54 -4.06 -0.20
CA TYR A 586 13.36 -4.10 0.66
C TYR A 586 12.85 -5.55 0.67
N PHE A 587 12.02 -5.86 1.66
CA PHE A 587 11.32 -7.14 1.75
C PHE A 587 9.95 -7.08 1.04
N TRP A 588 9.71 -8.03 0.13
CA TRP A 588 8.42 -8.26 -0.51
C TRP A 588 7.86 -9.49 0.22
N GLY A 589 6.86 -9.23 1.07
CA GLY A 589 6.34 -10.24 2.01
C GLY A 589 7.45 -10.58 3.01
N ASP A 590 7.31 -11.70 3.74
CA ASP A 590 8.32 -12.04 4.77
C ASP A 590 9.63 -12.57 4.19
N SER A 591 9.60 -13.17 3.01
CA SER A 591 10.67 -14.11 2.63
C SER A 591 11.65 -13.67 1.55
N LEU A 592 11.33 -12.59 0.81
CA LEU A 592 12.10 -12.18 -0.33
C LEU A 592 12.70 -10.81 -0.07
N LEU A 593 14.01 -10.75 -0.19
CA LEU A 593 14.78 -9.51 -0.16
C LEU A 593 15.11 -9.09 -1.59
N VAL A 594 14.53 -7.98 -2.01
CA VAL A 594 14.57 -7.54 -3.39
C VAL A 594 15.46 -6.31 -3.51
N THR A 595 16.34 -6.27 -4.52
CA THR A 595 17.20 -5.12 -4.77
C THR A 595 17.06 -4.67 -6.24
N PRO A 596 16.12 -3.75 -6.53
CA PRO A 596 15.94 -3.31 -7.90
C PRO A 596 17.18 -2.69 -8.50
N ILE A 597 17.39 -2.94 -9.78
CA ILE A 597 18.47 -2.32 -10.52
C ILE A 597 17.89 -1.02 -11.04
N THR A 598 18.57 0.08 -10.68
CA THR A 598 18.04 1.40 -10.98
C THR A 598 19.03 2.32 -11.72
N GLN A 599 20.03 1.77 -12.39
N GLN A 599 19.99 1.69 -12.41
CA GLN A 599 20.77 2.55 -13.37
CA GLN A 599 21.01 2.36 -13.23
C GLN A 599 21.20 1.60 -14.46
C GLN A 599 21.20 1.52 -14.48
N ALA A 600 21.52 2.17 -15.60
CA ALA A 600 21.90 1.41 -16.79
C ALA A 600 23.26 0.74 -16.59
N GLY A 601 23.43 -0.44 -17.19
CA GLY A 601 24.73 -1.10 -17.28
C GLY A 601 25.36 -1.70 -16.02
N VAL A 602 24.61 -1.73 -14.94
CA VAL A 602 25.09 -2.28 -13.68
C VAL A 602 25.44 -3.77 -13.86
N GLU A 603 26.69 -4.12 -13.61
CA GLU A 603 27.16 -5.50 -13.71
C GLU A 603 27.06 -6.36 -12.44
N SER A 604 26.98 -5.73 -11.27
CA SER A 604 26.85 -6.46 -10.01
C SER A 604 26.25 -5.56 -8.95
N VAL A 605 25.72 -6.15 -7.88
CA VAL A 605 25.18 -5.39 -6.74
C VAL A 605 25.70 -5.95 -5.46
N SER A 606 25.75 -5.09 -4.46
CA SER A 606 26.12 -5.44 -3.12
C SER A 606 24.83 -5.43 -2.30
N ILE A 607 24.41 -6.59 -1.81
CA ILE A 607 23.10 -6.70 -1.15
C ILE A 607 23.40 -6.82 0.33
N PRO A 608 22.84 -5.88 1.13
CA PRO A 608 23.12 -5.89 2.58
C PRO A 608 22.16 -6.82 3.31
N ALA A 609 22.33 -8.09 3.01
CA ALA A 609 21.48 -9.12 3.55
C ALA A 609 21.67 -9.15 5.06
N PRO A 610 20.58 -9.21 5.82
CA PRO A 610 20.74 -9.53 7.23
C PRO A 610 21.51 -10.87 7.48
N LYS A 611 22.19 -10.89 8.62
CA LYS A 611 22.87 -12.06 9.16
C LYS A 611 21.97 -13.28 9.02
N GLY A 612 22.46 -14.33 8.37
CA GLY A 612 21.73 -15.58 8.24
C GLY A 612 21.98 -16.28 6.93
N VAL A 613 21.10 -17.24 6.59
CA VAL A 613 21.22 -18.00 5.36
C VAL A 613 20.21 -17.55 4.31
N TRP A 614 20.68 -17.38 3.06
CA TRP A 614 19.87 -16.79 1.98
C TRP A 614 20.12 -17.57 0.71
N PHE A 615 19.11 -17.69 -0.13
CA PHE A 615 19.27 -18.36 -1.39
C PHE A 615 18.98 -17.40 -2.52
N ASP A 616 19.71 -17.55 -3.63
CA ASP A 616 19.43 -16.85 -4.89
C ASP A 616 18.10 -17.40 -5.40
N PHE A 617 17.08 -16.54 -5.41
CA PHE A 617 15.75 -16.93 -5.90
C PHE A 617 15.79 -17.58 -7.27
N TRP A 618 16.64 -17.07 -8.17
CA TRP A 618 16.64 -17.51 -9.56
C TRP A 618 17.51 -18.72 -9.78
N LYS A 619 18.59 -18.86 -9.02
CA LYS A 619 19.62 -19.88 -9.29
C LYS A 619 19.78 -20.93 -8.19
N ASP A 620 19.11 -20.76 -7.05
CA ASP A 620 19.16 -21.68 -5.94
C ASP A 620 20.47 -21.68 -5.15
N THR A 621 21.42 -20.84 -5.51
CA THR A 621 22.69 -20.73 -4.77
C THR A 621 22.47 -20.38 -3.32
N ARG A 622 23.12 -21.10 -2.41
CA ARG A 622 23.03 -20.88 -0.98
C ARG A 622 24.12 -19.94 -0.57
N TYR A 623 23.79 -18.92 0.22
CA TYR A 623 24.76 -17.98 0.80
C TYR A 623 24.52 -17.96 2.30
N GLN A 624 25.60 -17.97 3.09
N GLN A 624 25.61 -17.85 3.06
CA GLN A 624 25.50 -17.68 4.53
CA GLN A 624 25.61 -17.80 4.53
C GLN A 624 26.31 -16.43 4.71
C GLN A 624 26.41 -16.53 4.83
N THR A 625 25.86 -15.58 5.62
CA THR A 625 26.59 -14.37 5.97
C THR A 625 26.42 -14.07 7.44
N ASP A 626 27.49 -13.58 8.07
CA ASP A 626 27.45 -13.12 9.46
C ASP A 626 27.32 -11.63 9.58
N GLY A 627 27.03 -10.92 8.49
CA GLY A 627 26.87 -9.45 8.52
C GLY A 627 27.30 -8.75 7.24
N ALA A 628 28.38 -9.23 6.65
CA ALA A 628 28.95 -8.63 5.46
C ALA A 628 27.99 -8.76 4.28
N PRO A 629 27.94 -7.74 3.42
CA PRO A 629 27.07 -7.82 2.27
C PRO A 629 27.45 -8.91 1.27
N LEU A 630 26.47 -9.35 0.50
CA LEU A 630 26.67 -10.34 -0.54
C LEU A 630 26.74 -9.64 -1.88
N THR A 631 27.69 -10.02 -2.71
CA THR A 631 27.83 -9.47 -4.04
C THR A 631 27.27 -10.45 -5.08
N LEU A 632 26.26 -10.02 -5.83
CA LEU A 632 25.74 -10.86 -6.89
C LEU A 632 25.95 -10.19 -8.23
N PRO A 633 26.26 -10.98 -9.27
CA PRO A 633 26.24 -10.47 -10.64
C PRO A 633 24.79 -10.21 -11.08
N THR A 634 24.60 -9.28 -12.01
CA THR A 634 23.30 -8.95 -12.57
C THR A 634 23.20 -9.59 -13.92
N ASP A 635 21.99 -9.78 -14.39
CA ASP A 635 21.75 -10.14 -15.79
C ASP A 635 20.53 -9.32 -16.23
N LEU A 636 20.24 -9.32 -17.53
CA LEU A 636 19.18 -8.51 -18.05
C LEU A 636 17.78 -9.17 -17.84
N HIS A 637 17.72 -10.49 -17.64
N HIS A 637 17.74 -10.47 -17.60
CA HIS A 637 16.45 -11.21 -17.52
CA HIS A 637 16.51 -11.25 -17.52
C HIS A 637 15.87 -11.23 -16.11
C HIS A 637 15.87 -11.20 -16.13
N THR A 638 16.63 -10.81 -15.11
CA THR A 638 16.15 -10.75 -13.73
C THR A 638 16.65 -9.52 -12.99
N ILE A 639 16.08 -9.29 -11.80
CA ILE A 639 16.71 -8.42 -10.80
C ILE A 639 17.04 -9.25 -9.58
N PRO A 640 18.04 -8.81 -8.79
CA PRO A 640 18.49 -9.67 -7.66
C PRO A 640 17.47 -9.81 -6.50
N VAL A 641 17.13 -11.07 -6.22
CA VAL A 641 16.16 -11.46 -5.23
C VAL A 641 16.75 -12.63 -4.41
N LEU A 642 16.81 -12.46 -3.10
CA LEU A 642 17.24 -13.52 -2.20
C LEU A 642 16.05 -14.04 -1.38
N VAL A 643 16.03 -15.35 -1.19
CA VAL A 643 15.02 -16.02 -0.36
C VAL A 643 15.62 -16.38 0.98
N LYS A 644 14.89 -16.07 2.03
CA LYS A 644 15.28 -16.36 3.36
C LYS A 644 15.18 -17.86 3.68
N ALA A 645 16.24 -18.46 4.23
CA ALA A 645 16.13 -19.80 4.77
C ALA A 645 14.92 -19.93 5.70
N GLY A 646 14.19 -21.02 5.55
CA GLY A 646 12.93 -21.26 6.29
C GLY A 646 11.67 -20.80 5.56
N ALA A 647 11.81 -20.18 4.38
CA ALA A 647 10.65 -19.73 3.58
C ALA A 647 9.87 -20.90 2.98
N PHE A 648 8.56 -20.81 3.06
CA PHE A 648 7.67 -21.62 2.20
C PHE A 648 7.13 -20.71 1.08
N MET A 649 7.58 -20.91 -0.16
CA MET A 649 7.13 -20.12 -1.31
C MET A 649 6.04 -20.92 -2.04
N PRO A 650 4.79 -20.44 -2.01
CA PRO A 650 3.68 -21.18 -2.61
C PRO A 650 3.34 -20.68 -4.01
N TYR A 651 3.06 -21.61 -4.92
CA TYR A 651 2.68 -21.28 -6.29
C TYR A 651 1.50 -22.10 -6.76
N VAL A 652 0.73 -21.51 -7.66
CA VAL A 652 -0.28 -22.19 -8.42
C VAL A 652 0.10 -22.02 -9.90
N PRO A 653 -0.51 -22.81 -10.79
CA PRO A 653 -0.22 -22.65 -12.20
C PRO A 653 -0.70 -21.28 -12.74
N ALA A 654 0.02 -20.77 -13.74
CA ALA A 654 -0.29 -19.46 -14.29
C ALA A 654 -1.64 -19.50 -14.97
N VAL A 655 -2.42 -18.45 -14.81
CA VAL A 655 -3.66 -18.29 -15.54
C VAL A 655 -3.59 -16.97 -16.28
N SER A 656 -4.48 -16.76 -17.22
CA SER A 656 -4.56 -15.48 -17.98
C SER A 656 -5.24 -14.36 -17.21
N THR A 657 -6.17 -14.75 -16.35
CA THR A 657 -6.95 -13.82 -15.55
C THR A 657 -7.26 -14.48 -14.19
N THR A 658 -7.30 -13.69 -13.14
CA THR A 658 -7.65 -14.19 -11.83
C THR A 658 -9.08 -14.72 -11.77
N GLU A 659 -9.93 -14.38 -12.75
CA GLU A 659 -11.25 -15.00 -12.85
C GLU A 659 -11.17 -16.53 -13.00
N ASP A 660 -10.07 -17.03 -13.56
CA ASP A 660 -9.81 -18.46 -13.69
C ASP A 660 -8.96 -19.05 -12.57
N TYR A 661 -8.64 -18.29 -11.53
CA TYR A 661 -7.74 -18.77 -10.48
C TYR A 661 -8.24 -20.09 -9.88
N ARG A 662 -7.37 -21.10 -9.81
CA ARG A 662 -7.62 -22.31 -9.02
C ARG A 662 -6.38 -22.70 -8.23
N SER A 663 -6.60 -23.28 -7.05
CA SER A 663 -5.55 -23.88 -6.25
C SER A 663 -5.75 -25.37 -6.07
N ASP A 664 -6.39 -26.02 -7.04
CA ASP A 664 -6.44 -27.47 -7.06
C ASP A 664 -5.04 -28.11 -7.09
N SER A 665 -4.11 -27.44 -7.78
CA SER A 665 -2.71 -27.85 -7.90
C SER A 665 -1.84 -26.83 -7.17
N LEU A 666 -1.12 -27.26 -6.15
CA LEU A 666 -0.22 -26.38 -5.39
C LEU A 666 1.20 -26.85 -5.52
N GLU A 667 2.13 -25.91 -5.64
CA GLU A 667 3.53 -26.23 -5.68
C GLU A 667 4.20 -25.35 -4.66
N ILE A 668 4.83 -25.96 -3.66
CA ILE A 668 5.39 -25.21 -2.53
C ILE A 668 6.87 -25.54 -2.40
N HIS A 669 7.69 -24.50 -2.31
CA HIS A 669 9.13 -24.61 -2.22
C HIS A 669 9.58 -24.19 -0.84
N TYR A 670 10.21 -25.13 -0.12
CA TYR A 670 10.69 -24.88 1.24
C TYR A 670 12.20 -24.80 1.19
N TYR A 671 12.75 -23.74 1.76
CA TYR A 671 14.21 -23.50 1.72
C TYR A 671 14.86 -23.95 3.04
N ALA A 672 15.28 -25.22 3.08
CA ALA A 672 15.74 -25.85 4.29
C ALA A 672 17.15 -25.42 4.65
N ASP A 673 17.36 -25.17 5.93
CA ASP A 673 18.71 -25.02 6.49
C ASP A 673 18.69 -25.29 7.98
N ALA A 674 19.69 -26.02 8.44
CA ALA A 674 19.78 -26.41 9.87
C ALA A 674 19.82 -25.21 10.81
N SER A 675 20.21 -24.05 10.31
CA SER A 675 20.19 -22.83 11.09
C SER A 675 18.76 -22.35 11.38
N VAL A 676 17.76 -22.96 10.75
CA VAL A 676 16.37 -22.57 10.98
C VAL A 676 15.65 -23.81 11.46
N PRO A 677 15.68 -24.06 12.79
CA PRO A 677 15.10 -25.29 13.34
C PRO A 677 13.57 -25.33 13.41
N LEU A 678 12.92 -24.18 13.24
CA LEU A 678 11.45 -24.04 13.30
C LEU A 678 11.05 -23.02 12.27
N ALA A 679 10.18 -23.36 11.35
CA ALA A 679 9.70 -22.38 10.39
C ALA A 679 8.20 -22.56 10.17
N GLN A 680 7.53 -21.48 9.81
CA GLN A 680 6.10 -21.47 9.59
C GLN A 680 5.77 -20.72 8.33
N GLY A 681 4.76 -21.19 7.64
CA GLY A 681 4.20 -20.47 6.53
C GLY A 681 2.69 -20.60 6.52
N GLU A 682 2.05 -19.69 5.80
CA GLU A 682 0.62 -19.78 5.60
C GLU A 682 0.23 -19.38 4.20
N ILE A 683 -0.89 -19.93 3.75
CA ILE A 683 -1.52 -19.55 2.51
C ILE A 683 -2.99 -19.24 2.82
N PHE A 684 -3.41 -18.00 2.60
CA PHE A 684 -4.81 -17.59 2.73
C PHE A 684 -5.56 -17.78 1.41
N GLU A 685 -6.64 -18.57 1.40
CA GLU A 685 -7.48 -18.70 0.21
C GLU A 685 -8.91 -18.36 0.55
N ASP A 686 -9.55 -17.55 -0.28
CA ASP A 686 -11.00 -17.33 -0.19
C ASP A 686 -11.50 -17.28 -1.62
N ASP A 687 -12.73 -16.79 -1.83
CA ASP A 687 -13.26 -16.71 -3.18
C ASP A 687 -12.68 -15.55 -4.03
N GLY A 688 -11.76 -14.75 -3.48
CA GLY A 688 -11.14 -13.63 -4.19
C GLY A 688 -12.02 -12.39 -4.34
N LYS A 689 -13.25 -12.44 -3.82
CA LYS A 689 -14.20 -11.35 -4.10
C LYS A 689 -15.11 -10.87 -2.96
N ASP A 690 -15.36 -11.72 -1.97
CA ASP A 690 -16.32 -11.38 -0.91
C ASP A 690 -15.72 -10.41 0.11
N PRO A 691 -16.31 -9.22 0.28
CA PRO A 691 -15.74 -8.26 1.21
C PRO A 691 -15.89 -8.70 2.66
N ASN A 692 -16.77 -9.66 2.92
CA ASN A 692 -16.95 -10.20 4.26
C ASN A 692 -16.26 -11.53 4.53
N SER A 693 -15.39 -11.98 3.63
CA SER A 693 -14.78 -13.30 3.81
C SER A 693 -14.00 -13.40 5.13
N ILE A 694 -13.22 -12.40 5.50
CA ILE A 694 -12.42 -12.49 6.72
C ILE A 694 -13.28 -12.43 8.01
N LYS A 695 -14.17 -11.46 8.06
CA LYS A 695 -15.06 -11.27 9.19
C LYS A 695 -15.90 -12.53 9.47
N ARG A 696 -16.41 -13.14 8.42
CA ARG A 696 -17.27 -14.32 8.53
C ARG A 696 -16.52 -15.66 8.48
N ASN A 697 -15.19 -15.66 8.53
CA ASN A 697 -14.39 -16.90 8.43
C ASN A 697 -14.65 -17.77 7.22
N GLN A 698 -15.08 -17.15 6.11
CA GLN A 698 -15.35 -17.87 4.87
C GLN A 698 -14.05 -17.93 4.07
N PHE A 699 -13.11 -18.67 4.61
CA PHE A 699 -11.83 -18.86 3.99
C PHE A 699 -11.22 -20.20 4.36
N ASP A 700 -10.12 -20.53 3.68
CA ASP A 700 -9.35 -21.76 3.86
C ASP A 700 -7.93 -21.28 4.13
N LEU A 701 -7.51 -21.33 5.39
CA LEU A 701 -6.20 -20.86 5.81
C LEU A 701 -5.32 -22.10 5.98
N LEU A 702 -4.37 -22.27 5.08
CA LEU A 702 -3.45 -23.41 5.08
C LEU A 702 -2.20 -23.01 5.84
N THR A 703 -1.77 -23.85 6.79
CA THR A 703 -0.58 -23.61 7.59
C THR A 703 0.41 -24.74 7.38
N LEU A 704 1.69 -24.38 7.34
CA LEU A 704 2.76 -25.34 7.24
C LEU A 704 3.76 -25.02 8.32
N GLN A 705 4.20 -26.05 9.02
CA GLN A 705 5.26 -25.92 10.02
C GLN A 705 6.38 -26.91 9.74
N ALA A 706 7.62 -26.43 9.68
CA ALA A 706 8.81 -27.28 9.53
C ALA A 706 9.55 -27.31 10.85
N THR A 707 9.94 -28.51 11.26
CA THR A 707 10.80 -28.75 12.41
C THR A 707 12.05 -29.46 11.91
N HIS A 708 13.20 -28.81 12.02
CA HIS A 708 14.42 -29.27 11.36
C HIS A 708 15.47 -29.53 12.46
N THR A 709 15.78 -30.80 12.70
CA THR A 709 16.78 -31.20 13.70
C THR A 709 17.92 -31.94 13.01
N ASP A 710 18.92 -32.41 13.77
CA ASP A 710 20.10 -33.04 13.20
C ASP A 710 19.71 -34.23 12.31
N ASN A 711 18.74 -35.03 12.74
CA ASN A 711 18.40 -36.28 12.05
C ASN A 711 16.99 -36.34 11.44
N GLN A 712 16.24 -35.25 11.50
CA GLN A 712 14.87 -35.28 11.03
C GLN A 712 14.43 -33.95 10.48
N LEU A 713 13.56 -34.00 9.46
CA LEU A 713 12.85 -32.81 8.96
C LEU A 713 11.38 -33.21 8.89
N HIS A 714 10.56 -32.54 9.68
CA HIS A 714 9.16 -32.88 9.91
C HIS A 714 8.30 -31.68 9.47
N PHE A 715 7.27 -31.93 8.63
CA PHE A 715 6.33 -30.90 8.21
C PHE A 715 4.95 -31.25 8.74
N GLN A 716 4.33 -30.27 9.40
CA GLN A 716 2.97 -30.39 9.89
C GLN A 716 2.11 -29.46 9.08
N LEU A 717 1.12 -30.02 8.39
CA LEU A 717 0.22 -29.28 7.51
C LEU A 717 -1.21 -29.33 8.05
N ALA A 718 -1.91 -28.19 7.97
CA ALA A 718 -3.28 -28.10 8.48
C ALA A 718 -4.07 -27.04 7.76
N ARG A 719 -5.40 -27.12 7.89
CA ARG A 719 -6.28 -26.09 7.37
C ARG A 719 -7.29 -25.63 8.41
N THR A 720 -7.51 -24.32 8.52
CA THR A 720 -8.64 -23.80 9.30
C THR A 720 -9.56 -22.91 8.47
N GLY A 721 -10.64 -22.47 9.13
CA GLY A 721 -11.65 -21.62 8.54
C GLY A 721 -12.80 -22.45 8.06
N LYS A 722 -13.86 -21.78 7.63
CA LYS A 722 -15.09 -22.50 7.28
C LYS A 722 -15.16 -22.84 5.80
N GLY A 723 -14.14 -22.43 5.04
CA GLY A 723 -14.14 -22.67 3.62
C GLY A 723 -15.02 -21.67 2.90
N TYR A 724 -15.25 -21.94 1.62
CA TYR A 724 -15.93 -21.01 0.74
C TYR A 724 -16.40 -21.81 -0.44
N ARG A 725 -17.33 -21.27 -1.21
CA ARG A 725 -17.93 -22.03 -2.31
C ARG A 725 -16.89 -22.27 -3.39
N GLY A 726 -16.78 -23.51 -3.81
CA GLY A 726 -15.75 -23.91 -4.80
C GLY A 726 -14.37 -24.22 -4.25
N MET A 727 -14.16 -24.09 -2.94
CA MET A 727 -12.91 -24.48 -2.33
C MET A 727 -12.61 -25.95 -2.67
N PRO A 728 -11.38 -26.26 -3.13
CA PRO A 728 -11.11 -27.69 -3.31
C PRO A 728 -10.97 -28.44 -1.98
N GLU A 729 -11.62 -29.59 -1.87
CA GLU A 729 -11.44 -30.43 -0.70
C GLU A 729 -10.05 -31.00 -0.62
N ARG A 730 -9.50 -31.45 -1.75
CA ARG A 730 -8.20 -32.09 -1.81
C ARG A 730 -7.34 -31.37 -2.87
N ARG A 731 -6.19 -30.86 -2.44
CA ARG A 731 -5.21 -30.25 -3.34
C ARG A 731 -4.06 -31.19 -3.62
N ALA A 732 -3.79 -31.42 -4.90
CA ALA A 732 -2.56 -32.11 -5.33
C ALA A 732 -1.41 -31.15 -5.06
N THR A 733 -0.46 -31.60 -4.23
CA THR A 733 0.57 -30.75 -3.69
C THR A 733 1.94 -31.35 -4.01
N THR A 734 2.81 -30.52 -4.58
CA THR A 734 4.21 -30.85 -4.81
C THR A 734 5.02 -29.94 -3.91
N LEU A 735 5.73 -30.55 -2.94
CA LEU A 735 6.59 -29.87 -2.00
C LEU A 735 8.04 -30.09 -2.41
N VAL A 736 8.71 -29.00 -2.77
CA VAL A 736 10.13 -29.10 -3.18
C VAL A 736 10.99 -28.51 -2.08
N ILE A 737 11.84 -29.34 -1.47
CA ILE A 737 12.69 -28.95 -0.37
C ILE A 737 14.06 -28.65 -0.93
N HIS A 738 14.42 -27.38 -0.89
CA HIS A 738 15.73 -26.94 -1.40
C HIS A 738 16.76 -27.14 -0.30
N ASN A 739 17.99 -27.38 -0.72
CA ASN A 739 19.11 -27.63 0.18
C ASN A 739 18.84 -28.80 1.09
N ALA A 740 18.07 -29.78 0.61
CA ALA A 740 17.76 -30.94 1.40
C ALA A 740 18.99 -31.84 1.58
N SER A 741 19.16 -32.36 2.80
CA SER A 741 20.19 -33.35 3.11
C SER A 741 20.13 -34.50 2.17
N ASP A 742 21.31 -34.99 1.77
CA ASP A 742 21.40 -36.21 1.00
C ASP A 742 21.35 -37.49 1.87
N GLN A 743 21.13 -37.36 3.18
N GLN A 743 21.15 -37.34 3.17
CA GLN A 743 21.11 -38.51 4.09
CA GLN A 743 21.13 -38.46 4.12
C GLN A 743 19.70 -39.00 4.45
C GLN A 743 19.72 -38.89 4.56
N TYR A 744 18.64 -38.35 3.97
CA TYR A 744 17.27 -38.81 4.29
C TYR A 744 17.02 -40.14 3.53
N GLN A 745 16.72 -41.18 4.28
CA GLN A 745 16.44 -42.50 3.71
C GLN A 745 14.94 -42.87 3.66
N HIS A 746 14.15 -42.35 4.60
CA HIS A 746 12.73 -42.61 4.49
C HIS A 746 11.83 -41.45 4.91
N LEU A 747 10.61 -41.54 4.39
CA LEU A 747 9.55 -40.61 4.61
C LEU A 747 8.42 -41.37 5.30
N ASP A 748 7.88 -40.83 6.39
CA ASP A 748 6.58 -41.26 6.94
C ASP A 748 5.54 -40.21 6.57
N ILE A 749 4.42 -40.62 5.97
CA ILE A 749 3.27 -39.74 5.77
C ILE A 749 2.17 -40.22 6.68
N ASN A 750 1.87 -39.46 7.73
CA ASN A 750 0.93 -39.90 8.76
C ASN A 750 1.21 -41.34 9.30
N GLY A 751 2.48 -41.66 9.52
CA GLY A 751 2.90 -42.93 10.09
C GLY A 751 3.17 -44.03 9.10
N LYS A 752 2.73 -43.88 7.85
CA LYS A 752 3.03 -44.82 6.78
C LYS A 752 4.39 -44.51 6.08
N THR A 753 5.30 -45.48 6.13
CA THR A 753 6.66 -45.36 5.62
C THR A 753 6.70 -45.56 4.12
N ILE A 754 7.40 -44.67 3.41
CA ILE A 754 7.53 -44.64 1.94
C ILE A 754 9.04 -44.48 1.63
N ALA A 755 9.61 -45.25 0.71
CA ALA A 755 11.05 -45.13 0.38
C ALA A 755 11.26 -43.86 -0.41
N ILE A 756 12.40 -43.22 -0.25
CA ILE A 756 12.78 -42.03 -1.05
C ILE A 756 13.65 -42.47 -2.23
N ALA A 757 13.12 -42.34 -3.45
CA ALA A 757 13.93 -42.63 -4.66
C ALA A 757 15.12 -41.64 -4.75
N GLN A 758 16.20 -42.05 -5.41
CA GLN A 758 17.44 -41.28 -5.44
C GLN A 758 17.93 -41.12 -6.89
N ALA A 759 17.01 -41.28 -7.84
CA ALA A 759 17.32 -41.17 -9.26
C ALA A 759 16.05 -40.85 -10.01
N ASP A 760 16.20 -40.26 -11.19
CA ASP A 760 15.07 -40.14 -12.14
C ASP A 760 13.88 -39.37 -11.57
N CYS A 761 14.14 -38.37 -10.73
CA CYS A 761 13.01 -37.66 -10.06
C CYS A 761 12.14 -36.89 -11.03
N ALA A 762 12.77 -36.33 -12.06
CA ALA A 762 12.02 -35.55 -13.06
C ALA A 762 11.31 -36.46 -14.09
N SER A 763 11.73 -37.73 -14.18
CA SER A 763 11.28 -38.67 -15.24
C SER A 763 10.40 -39.86 -14.74
N THR A 764 9.93 -39.83 -13.50
CA THR A 764 9.00 -40.83 -12.98
C THR A 764 7.93 -40.11 -12.15
N PRO A 765 6.73 -40.72 -12.00
CA PRO A 765 5.64 -40.19 -11.14
C PRO A 765 5.89 -40.50 -9.65
N ALA A 766 7.09 -40.12 -9.21
CA ALA A 766 7.66 -40.45 -7.91
C ALA A 766 6.93 -39.69 -6.82
N LEU A 767 6.66 -40.40 -5.72
CA LEU A 767 6.00 -39.78 -4.60
C LEU A 767 7.03 -39.09 -3.72
N ALA A 768 8.23 -39.64 -3.63
CA ALA A 768 9.33 -38.96 -2.94
C ALA A 768 10.61 -39.23 -3.65
N CYS A 769 11.33 -38.19 -4.01
CA CYS A 769 12.54 -38.39 -4.78
C CYS A 769 13.56 -37.30 -4.51
N TYR A 770 14.81 -37.72 -4.30
CA TYR A 770 15.92 -36.80 -4.06
C TYR A 770 16.76 -36.66 -5.31
N ASP A 771 16.95 -35.42 -5.73
CA ASP A 771 17.71 -35.08 -6.90
C ASP A 771 19.07 -34.61 -6.39
N GLN A 772 20.07 -35.47 -6.53
CA GLN A 772 21.40 -35.22 -5.97
C GLN A 772 22.16 -34.05 -6.60
N GLU A 773 21.96 -33.84 -7.90
CA GLU A 773 22.61 -32.74 -8.59
C GLU A 773 22.01 -31.35 -8.14
N ARG A 774 20.72 -31.29 -7.83
CA ARG A 774 20.10 -30.02 -7.42
C ARG A 774 19.95 -29.87 -5.91
N ARG A 775 20.26 -30.93 -5.15
CA ARG A 775 20.00 -30.96 -3.71
C ARG A 775 18.53 -30.57 -3.38
N GLN A 776 17.60 -31.13 -4.15
CA GLN A 776 16.18 -30.93 -3.98
C GLN A 776 15.50 -32.25 -3.73
N LEU A 777 14.70 -32.29 -2.68
CA LEU A 777 13.91 -33.47 -2.34
C LEU A 777 12.46 -33.12 -2.63
N GLN A 778 11.85 -33.84 -3.56
CA GLN A 778 10.47 -33.57 -3.97
C GLN A 778 9.49 -34.61 -3.39
N LEU A 779 8.42 -34.12 -2.76
CA LEU A 779 7.36 -34.96 -2.23
C LEU A 779 6.07 -34.57 -2.90
N VAL A 780 5.30 -35.55 -3.41
CA VAL A 780 4.06 -35.28 -4.11
C VAL A 780 2.96 -36.07 -3.39
N PHE A 781 1.90 -35.38 -2.99
CA PHE A 781 0.87 -35.97 -2.09
C PHE A 781 -0.45 -35.21 -2.25
N THR A 782 -1.46 -35.67 -1.55
CA THR A 782 -2.80 -35.11 -1.63
C THR A 782 -3.02 -34.39 -0.31
N TRP A 783 -3.33 -33.09 -0.33
CA TRP A 783 -3.53 -32.31 0.89
C TRP A 783 -5.02 -32.10 1.04
N GLY A 784 -5.63 -32.92 1.89
CA GLY A 784 -7.08 -32.84 2.13
C GLY A 784 -7.38 -32.02 3.34
N ARG A 785 -8.56 -32.23 3.91
CA ARG A 785 -9.01 -31.35 5.00
C ARG A 785 -8.39 -31.71 6.35
N GLU A 786 -7.99 -32.97 6.52
CA GLU A 786 -7.36 -33.41 7.77
C GLU A 786 -5.87 -33.06 7.85
N ALA A 787 -5.39 -32.94 9.08
CA ALA A 787 -3.99 -32.70 9.36
C ALA A 787 -3.11 -33.77 8.69
N LEU A 788 -1.94 -33.34 8.26
CA LEU A 788 -1.01 -34.18 7.57
C LEU A 788 0.38 -33.95 8.17
N ASN A 789 1.06 -35.04 8.50
CA ASN A 789 2.43 -34.98 8.99
C ASN A 789 3.34 -35.75 8.02
N LEU A 790 4.40 -35.09 7.59
CA LEU A 790 5.41 -35.71 6.71
C LEU A 790 6.72 -35.71 7.51
N ARG A 791 7.32 -36.88 7.79
CA ARG A 791 8.58 -36.98 8.56
C ARG A 791 9.67 -37.58 7.72
N LEU A 792 10.73 -36.83 7.48
CA LEU A 792 11.89 -37.30 6.78
C LEU A 792 12.93 -37.67 7.85
N HIS A 793 13.54 -38.85 7.72
N HIS A 793 13.52 -38.86 7.82
CA HIS A 793 14.40 -39.46 8.73
CA HIS A 793 14.50 -39.21 8.85
C HIS A 793 15.74 -39.86 8.12
C HIS A 793 15.71 -39.88 8.21
N LYS A 794 16.85 -39.53 8.78
CA LYS A 794 18.13 -40.09 8.42
C LYS A 794 18.22 -41.52 8.97
O1 PG4 B . 14.58 -16.72 -15.07
C1 PG4 B . 13.52 -15.88 -15.54
C2 PG4 B . 12.19 -16.61 -15.41
O2 PG4 B . 11.68 -16.47 -14.09
C3 PG4 B . 10.47 -17.20 -13.83
C4 PG4 B . 10.80 -18.44 -13.00
O3 PG4 B . 10.76 -18.13 -11.61
C5 PG4 B . 11.58 -18.95 -10.74
C6 PG4 B . 10.96 -19.27 -9.39
O4 PG4 B . 9.64 -19.80 -9.55
C7 PG4 B . 9.48 -21.12 -9.04
C8 PG4 B . 8.17 -21.69 -9.53
O5 PG4 B . 8.35 -23.03 -10.01
S SO4 C . 16.89 -35.62 16.35
O1 SO4 C . 15.88 -35.08 17.30
O2 SO4 C . 18.17 -34.89 16.50
O3 SO4 C . 17.10 -37.06 16.64
O4 SO4 C . 16.42 -35.50 14.96
S SO4 D . -14.74 16.96 17.91
O1 SO4 D . -15.67 17.44 18.96
O2 SO4 D . -13.66 16.18 18.55
O3 SO4 D . -14.15 18.12 17.22
O4 SO4 D . -15.53 16.16 16.95
S SO4 E . 17.59 -32.67 -16.92
O1 SO4 E . 18.18 -34.01 -16.78
O2 SO4 E . 18.04 -31.80 -15.82
O3 SO4 E . 17.99 -32.09 -18.24
O4 SO4 E . 16.11 -32.79 -16.86
S SO4 F . -29.87 7.31 -8.02
O1 SO4 F . -30.09 7.07 -6.57
O2 SO4 F . -28.44 7.54 -8.26
O3 SO4 F . -30.31 6.12 -8.78
O4 SO4 F . -30.63 8.51 -8.46
S SO4 G . -24.11 -0.37 -26.09
O1 SO4 G . -25.42 -0.80 -25.52
O2 SO4 G . -23.54 0.66 -25.19
O3 SO4 G . -23.19 -1.51 -26.21
O4 SO4 G . -24.37 0.17 -27.44
S SO4 H . 2.18 -2.89 21.93
O1 SO4 H . 3.02 -3.28 23.08
O2 SO4 H . 1.23 -1.84 22.36
O3 SO4 H . 1.42 -4.08 21.44
O4 SO4 H . 3.04 -2.41 20.83
C1 EDO I . 14.55 -19.10 -12.31
O1 EDO I . 14.39 -19.76 -11.04
C2 EDO I . 14.34 -20.10 -13.43
O2 EDO I . 14.32 -19.43 -14.69
C1 EDO J . 22.91 -31.77 5.97
O1 EDO J . 22.94 -33.19 5.74
C2 EDO J . 21.54 -31.12 6.27
O2 EDO J . 20.97 -31.36 7.58
C1 66V K . -3.58 12.35 -14.12
C2 66V K . -2.75 11.08 -13.80
C3 66V K . -2.23 10.35 -15.03
C4 66V K . -3.29 10.42 -16.10
C5 66V K . -3.35 11.86 -16.63
C6 66V K . -3.40 12.94 -15.52
C7 66V K . -4.44 12.03 -17.67
N8 66V K . -2.18 13.82 -15.51
C9 66V K . -2.15 14.64 -16.76
C10 66V K . -0.85 15.47 -16.96
C11 66V K . -0.99 16.12 -18.34
C12 66V K . 0.17 16.99 -18.79
C13 66V K . 0.41 16.88 -20.29
C14 66V K . 1.61 17.74 -20.69
C15 66V K . 2.09 17.49 -22.13
C16 66V K . 3.59 17.69 -22.25
N17 66V K . 4.02 19.02 -21.88
N18 66V K . 5.31 19.23 -21.41
N19 66V K . 6.38 19.42 -21.01
O20 66V K . -1.68 11.37 -12.89
O21 66V K . -1.91 8.97 -14.70
O22 66V K . -2.93 9.54 -17.16
O23 66V K . -5.75 11.74 -17.15
#